data_1BW6
# 
_entry.id   1BW6 
# 
_audit_conform.dict_name       mmcif_pdbx.dic 
_audit_conform.dict_version    5.392 
_audit_conform.dict_location   http://mmcif.pdb.org/dictionaries/ascii/mmcif_pdbx.dic 
# 
loop_
_database_2.database_id 
_database_2.database_code 
_database_2.pdbx_database_accession 
_database_2.pdbx_DOI 
PDB   1BW6         pdb_00001bw6 10.2210/pdb1bw6/pdb 
RCSB  RCSB008234   ?            ?                   
WWPDB D_1000008234 ?            ?                   
# 
loop_
_pdbx_audit_revision_history.ordinal 
_pdbx_audit_revision_history.data_content_type 
_pdbx_audit_revision_history.major_revision 
_pdbx_audit_revision_history.minor_revision 
_pdbx_audit_revision_history.revision_date 
1 'Structure model' 1 0 1998-10-07 
2 'Structure model' 1 1 2008-04-27 
3 'Structure model' 1 2 2011-07-13 
4 'Structure model' 1 3 2022-02-16 
5 'Structure model' 1 4 2024-05-22 
# 
_pdbx_audit_revision_details.ordinal             1 
_pdbx_audit_revision_details.revision_ordinal    1 
_pdbx_audit_revision_details.data_content_type   'Structure model' 
_pdbx_audit_revision_details.provider            repository 
_pdbx_audit_revision_details.type                'Initial release' 
_pdbx_audit_revision_details.description         ? 
_pdbx_audit_revision_details.details             ? 
# 
loop_
_pdbx_audit_revision_group.ordinal 
_pdbx_audit_revision_group.revision_ordinal 
_pdbx_audit_revision_group.data_content_type 
_pdbx_audit_revision_group.group 
1 2 'Structure model' 'Version format compliance' 
2 3 'Structure model' 'Version format compliance' 
3 4 'Structure model' 'Database references'       
4 4 'Structure model' 'Derived calculations'      
5 5 'Structure model' 'Data collection'           
# 
loop_
_pdbx_audit_revision_category.ordinal 
_pdbx_audit_revision_category.revision_ordinal 
_pdbx_audit_revision_category.data_content_type 
_pdbx_audit_revision_category.category 
1 4 'Structure model' database_2            
2 4 'Structure model' pdbx_struct_assembly  
3 4 'Structure model' pdbx_struct_oper_list 
4 5 'Structure model' chem_comp_atom        
5 5 'Structure model' chem_comp_bond        
# 
loop_
_pdbx_audit_revision_item.ordinal 
_pdbx_audit_revision_item.revision_ordinal 
_pdbx_audit_revision_item.data_content_type 
_pdbx_audit_revision_item.item 
1 4 'Structure model' '_database_2.pdbx_DOI'                
2 4 'Structure model' '_database_2.pdbx_database_accession' 
# 
_pdbx_database_status.status_code                     REL 
_pdbx_database_status.entry_id                        1BW6 
_pdbx_database_status.recvd_initial_deposition_date   1998-09-30 
_pdbx_database_status.deposit_site                    BNL 
_pdbx_database_status.process_site                    RCSB 
_pdbx_database_status.SG_entry                        Y 
_pdbx_database_status.pdb_format_compatible           Y 
_pdbx_database_status.status_code_mr                  ? 
_pdbx_database_status.status_code_sf                  ? 
_pdbx_database_status.status_code_cs                  ? 
_pdbx_database_status.status_code_nmr_data            ? 
_pdbx_database_status.methods_development_category    ? 
# 
_pdbx_database_related.db_name        TargetDB 
_pdbx_database_related.db_id          my_001000013.1 
_pdbx_database_related.details        . 
_pdbx_database_related.content_type   unspecified 
# 
loop_
_audit_author.name 
_audit_author.pdbx_ordinal 
'Iwahara, J.'                                            1 
'Kigawa, T.'                                             2 
'Kitagawa, K.'                                           3 
'Masumoto, H.'                                           4 
'Okazaki, T.'                                            5 
'Yokoyama, S.'                                           6 
'RIKEN Structural Genomics/Proteomics Initiative (RSGI)' 7 
# 
_citation.id                        primary 
_citation.title                     'A helix-turn-helix structure unit in human centromere protein B (CENP-B).' 
_citation.journal_abbrev            'EMBO J.' 
_citation.journal_volume            17 
_citation.page_first                827 
_citation.page_last                 837 
_citation.year                      1998 
_citation.journal_id_ASTM           EMJODG 
_citation.country                   UK 
_citation.journal_id_ISSN           0261-4189 
_citation.journal_id_CSD            0897 
_citation.book_publisher            ? 
_citation.pdbx_database_id_PubMed   9451007 
_citation.pdbx_database_id_DOI      10.1093/emboj/17.3.827 
# 
loop_
_citation_author.citation_id 
_citation_author.name 
_citation_author.ordinal 
_citation_author.identifier_ORCID 
primary 'Iwahara, J.'  1 ? 
primary 'Kigawa, T.'   2 ? 
primary 'Kitagawa, K.' 3 ? 
primary 'Masumoto, H.' 4 ? 
primary 'Okazaki, T.'  5 ? 
primary 'Yokoyama, S.' 6 ? 
# 
_entity.id                         1 
_entity.type                       polymer 
_entity.src_method                 man 
_entity.pdbx_description           'PROTEIN (CENTROMERE PROTEIN B)' 
_entity.formula_weight             6546.627 
_entity.pdbx_number_of_molecules   1 
_entity.pdbx_ec                    ? 
_entity.pdbx_mutation              ? 
_entity.pdbx_fragment              'DNA-BINDING DOMAIN' 
_entity.details                    ? 
# 
_entity_poly.entity_id                      1 
_entity_poly.type                           'polypeptide(L)' 
_entity_poly.nstd_linkage                   no 
_entity_poly.nstd_monomer                   no 
_entity_poly.pdbx_seq_one_letter_code       MGPKRRQLTFREKSRIIQEVEENPDLRKGEIARRFNIPPSTLSTILKNKRAILASE 
_entity_poly.pdbx_seq_one_letter_code_can   MGPKRRQLTFREKSRIIQEVEENPDLRKGEIARRFNIPPSTLSTILKNKRAILASE 
_entity_poly.pdbx_strand_id                 A 
_entity_poly.pdbx_target_identifier         my_001000013.1 
# 
loop_
_entity_poly_seq.entity_id 
_entity_poly_seq.num 
_entity_poly_seq.mon_id 
_entity_poly_seq.hetero 
1 1  MET n 
1 2  GLY n 
1 3  PRO n 
1 4  LYS n 
1 5  ARG n 
1 6  ARG n 
1 7  GLN n 
1 8  LEU n 
1 9  THR n 
1 10 PHE n 
1 11 ARG n 
1 12 GLU n 
1 13 LYS n 
1 14 SER n 
1 15 ARG n 
1 16 ILE n 
1 17 ILE n 
1 18 GLN n 
1 19 GLU n 
1 20 VAL n 
1 21 GLU n 
1 22 GLU n 
1 23 ASN n 
1 24 PRO n 
1 25 ASP n 
1 26 LEU n 
1 27 ARG n 
1 28 LYS n 
1 29 GLY n 
1 30 GLU n 
1 31 ILE n 
1 32 ALA n 
1 33 ARG n 
1 34 ARG n 
1 35 PHE n 
1 36 ASN n 
1 37 ILE n 
1 38 PRO n 
1 39 PRO n 
1 40 SER n 
1 41 THR n 
1 42 LEU n 
1 43 SER n 
1 44 THR n 
1 45 ILE n 
1 46 LEU n 
1 47 LYS n 
1 48 ASN n 
1 49 LYS n 
1 50 ARG n 
1 51 ALA n 
1 52 ILE n 
1 53 LEU n 
1 54 ALA n 
1 55 SER n 
1 56 GLU n 
# 
_entity_src_gen.entity_id                          1 
_entity_src_gen.pdbx_src_id                        1 
_entity_src_gen.pdbx_alt_source_flag               sample 
_entity_src_gen.pdbx_seq_type                      ? 
_entity_src_gen.pdbx_beg_seq_num                   ? 
_entity_src_gen.pdbx_end_seq_num                   ? 
_entity_src_gen.gene_src_common_name               human 
_entity_src_gen.gene_src_genus                     Homo 
_entity_src_gen.pdbx_gene_src_gene                 ? 
_entity_src_gen.gene_src_species                   ? 
_entity_src_gen.gene_src_strain                    ? 
_entity_src_gen.gene_src_tissue                    ? 
_entity_src_gen.gene_src_tissue_fraction           ? 
_entity_src_gen.gene_src_details                   ? 
_entity_src_gen.pdbx_gene_src_fragment             ? 
_entity_src_gen.pdbx_gene_src_scientific_name      'Homo sapiens' 
_entity_src_gen.pdbx_gene_src_ncbi_taxonomy_id     9606 
_entity_src_gen.pdbx_gene_src_variant              ? 
_entity_src_gen.pdbx_gene_src_cell_line            ? 
_entity_src_gen.pdbx_gene_src_atcc                 ? 
_entity_src_gen.pdbx_gene_src_organ                ? 
_entity_src_gen.pdbx_gene_src_organelle            ? 
_entity_src_gen.pdbx_gene_src_cell                 ? 
_entity_src_gen.pdbx_gene_src_cellular_location    ? 
_entity_src_gen.host_org_common_name               ? 
_entity_src_gen.pdbx_host_org_scientific_name      'Escherichia coli' 
_entity_src_gen.pdbx_host_org_ncbi_taxonomy_id     562 
_entity_src_gen.host_org_genus                     Escherichia 
_entity_src_gen.pdbx_host_org_gene                 ? 
_entity_src_gen.pdbx_host_org_organ                ? 
_entity_src_gen.host_org_species                   ? 
_entity_src_gen.pdbx_host_org_tissue               ? 
_entity_src_gen.pdbx_host_org_tissue_fraction      ? 
_entity_src_gen.pdbx_host_org_strain               'BL21(DE3)/PLYSS' 
_entity_src_gen.pdbx_host_org_variant              ? 
_entity_src_gen.pdbx_host_org_cell_line            ? 
_entity_src_gen.pdbx_host_org_atcc                 ? 
_entity_src_gen.pdbx_host_org_culture_collection   ? 
_entity_src_gen.pdbx_host_org_cell                 ? 
_entity_src_gen.pdbx_host_org_organelle            ? 
_entity_src_gen.pdbx_host_org_cellular_location    ? 
_entity_src_gen.pdbx_host_org_vector_type          ? 
_entity_src_gen.pdbx_host_org_vector               PRSETA 
_entity_src_gen.host_org_details                   ? 
_entity_src_gen.expression_system_id               ? 
_entity_src_gen.plasmid_name                       PHR1 
_entity_src_gen.plasmid_details                    ? 
_entity_src_gen.pdbx_description                   ? 
# 
loop_
_chem_comp.id 
_chem_comp.type 
_chem_comp.mon_nstd_flag 
_chem_comp.name 
_chem_comp.pdbx_synonyms 
_chem_comp.formula 
_chem_comp.formula_weight 
ALA 'L-peptide linking' y ALANINE         ? 'C3 H7 N O2'     89.093  
ARG 'L-peptide linking' y ARGININE        ? 'C6 H15 N4 O2 1' 175.209 
ASN 'L-peptide linking' y ASPARAGINE      ? 'C4 H8 N2 O3'    132.118 
ASP 'L-peptide linking' y 'ASPARTIC ACID' ? 'C4 H7 N O4'     133.103 
GLN 'L-peptide linking' y GLUTAMINE       ? 'C5 H10 N2 O3'   146.144 
GLU 'L-peptide linking' y 'GLUTAMIC ACID' ? 'C5 H9 N O4'     147.129 
GLY 'peptide linking'   y GLYCINE         ? 'C2 H5 N O2'     75.067  
ILE 'L-peptide linking' y ISOLEUCINE      ? 'C6 H13 N O2'    131.173 
LEU 'L-peptide linking' y LEUCINE         ? 'C6 H13 N O2'    131.173 
LYS 'L-peptide linking' y LYSINE          ? 'C6 H15 N2 O2 1' 147.195 
MET 'L-peptide linking' y METHIONINE      ? 'C5 H11 N O2 S'  149.211 
PHE 'L-peptide linking' y PHENYLALANINE   ? 'C9 H11 N O2'    165.189 
PRO 'L-peptide linking' y PROLINE         ? 'C5 H9 N O2'     115.130 
SER 'L-peptide linking' y SERINE          ? 'C3 H7 N O3'     105.093 
THR 'L-peptide linking' y THREONINE       ? 'C4 H9 N O3'     119.119 
VAL 'L-peptide linking' y VALINE          ? 'C5 H11 N O2'    117.146 
# 
loop_
_pdbx_poly_seq_scheme.asym_id 
_pdbx_poly_seq_scheme.entity_id 
_pdbx_poly_seq_scheme.seq_id 
_pdbx_poly_seq_scheme.mon_id 
_pdbx_poly_seq_scheme.ndb_seq_num 
_pdbx_poly_seq_scheme.pdb_seq_num 
_pdbx_poly_seq_scheme.auth_seq_num 
_pdbx_poly_seq_scheme.pdb_mon_id 
_pdbx_poly_seq_scheme.auth_mon_id 
_pdbx_poly_seq_scheme.pdb_strand_id 
_pdbx_poly_seq_scheme.pdb_ins_code 
_pdbx_poly_seq_scheme.hetero 
A 1 1  MET 1  1  1  MET MET A . n 
A 1 2  GLY 2  2  2  GLY GLY A . n 
A 1 3  PRO 3  3  3  PRO PRO A . n 
A 1 4  LYS 4  4  4  LYS LYS A . n 
A 1 5  ARG 5  5  5  ARG ARG A . n 
A 1 6  ARG 6  6  6  ARG ARG A . n 
A 1 7  GLN 7  7  7  GLN GLN A . n 
A 1 8  LEU 8  8  8  LEU LEU A . n 
A 1 9  THR 9  9  9  THR THR A . n 
A 1 10 PHE 10 10 10 PHE PHE A . n 
A 1 11 ARG 11 11 11 ARG ARG A . n 
A 1 12 GLU 12 12 12 GLU GLU A . n 
A 1 13 LYS 13 13 13 LYS LYS A . n 
A 1 14 SER 14 14 14 SER SER A . n 
A 1 15 ARG 15 15 15 ARG ARG A . n 
A 1 16 ILE 16 16 16 ILE ILE A . n 
A 1 17 ILE 17 17 17 ILE ILE A . n 
A 1 18 GLN 18 18 18 GLN GLN A . n 
A 1 19 GLU 19 19 19 GLU GLU A . n 
A 1 20 VAL 20 20 20 VAL VAL A . n 
A 1 21 GLU 21 21 21 GLU GLU A . n 
A 1 22 GLU 22 22 22 GLU GLU A . n 
A 1 23 ASN 23 23 23 ASN ASN A . n 
A 1 24 PRO 24 24 24 PRO PRO A . n 
A 1 25 ASP 25 25 25 ASP ASP A . n 
A 1 26 LEU 26 26 26 LEU LEU A . n 
A 1 27 ARG 27 27 27 ARG ARG A . n 
A 1 28 LYS 28 28 28 LYS LYS A . n 
A 1 29 GLY 29 29 29 GLY GLY A . n 
A 1 30 GLU 30 30 30 GLU GLU A . n 
A 1 31 ILE 31 31 31 ILE ILE A . n 
A 1 32 ALA 32 32 32 ALA ALA A . n 
A 1 33 ARG 33 33 33 ARG ARG A . n 
A 1 34 ARG 34 34 34 ARG ARG A . n 
A 1 35 PHE 35 35 35 PHE PHE A . n 
A 1 36 ASN 36 36 36 ASN ASN A . n 
A 1 37 ILE 37 37 37 ILE ILE A . n 
A 1 38 PRO 38 38 38 PRO PRO A . n 
A 1 39 PRO 39 39 39 PRO PRO A . n 
A 1 40 SER 40 40 40 SER SER A . n 
A 1 41 THR 41 41 41 THR THR A . n 
A 1 42 LEU 42 42 42 LEU LEU A . n 
A 1 43 SER 43 43 43 SER SER A . n 
A 1 44 THR 44 44 44 THR THR A . n 
A 1 45 ILE 45 45 45 ILE ILE A . n 
A 1 46 LEU 46 46 46 LEU LEU A . n 
A 1 47 LYS 47 47 47 LYS LYS A . n 
A 1 48 ASN 48 48 48 ASN ASN A . n 
A 1 49 LYS 49 49 49 LYS LYS A . n 
A 1 50 ARG 50 50 50 ARG ARG A . n 
A 1 51 ALA 51 51 51 ALA ALA A . n 
A 1 52 ILE 52 52 52 ILE ILE A . n 
A 1 53 LEU 53 53 53 LEU LEU A . n 
A 1 54 ALA 54 54 54 ALA ALA A . n 
A 1 55 SER 55 55 55 SER SER A . n 
A 1 56 GLU 56 56 56 GLU GLU A . n 
# 
_cell.entry_id           1BW6 
_cell.length_a           1.000 
_cell.length_b           1.000 
_cell.length_c           1.000 
_cell.angle_alpha        90.00 
_cell.angle_beta         90.00 
_cell.angle_gamma        90.00 
_cell.Z_PDB              1 
_cell.pdbx_unique_axis   ? 
# 
_symmetry.entry_id                         1BW6 
_symmetry.space_group_name_H-M             'P 1' 
_symmetry.pdbx_full_space_group_name_H-M   ? 
_symmetry.cell_setting                     ? 
_symmetry.Int_Tables_number                1 
# 
_exptl.entry_id          1BW6 
_exptl.method            'SOLUTION NMR' 
_exptl.crystals_number   ? 
# 
_struct.entry_id                  1BW6 
_struct.title                     'HUMAN CENTROMERE PROTEIN B (CENP-B) DNA BINDIGN DOMAIN RP1' 
_struct.pdbx_model_details        ? 
_struct.pdbx_CASP_flag            ? 
_struct.pdbx_model_type_details   ? 
# 
_struct_keywords.entry_id        1BW6 
_struct_keywords.pdbx_keywords   'DNA BINDING PROTEIN' 
_struct_keywords.text            
;CENTROMERE PROTEIN, DNA-BINDING, HELIX-TURN-HELIX, RIKEN Structural Genomics/Proteomics Initiative, RSGI, Structural Genomics, DNA BINDING PROTEIN
;
# 
_struct_asym.id                            A 
_struct_asym.pdbx_blank_PDB_chainid_flag   N 
_struct_asym.pdbx_modified                 N 
_struct_asym.entity_id                     1 
_struct_asym.details                       ? 
# 
_struct_ref.id                         1 
_struct_ref.db_name                    UNP 
_struct_ref.db_code                    CENPB_HUMAN 
_struct_ref.entity_id                  1 
_struct_ref.pdbx_db_accession          P07199 
_struct_ref.pdbx_align_begin           ? 
_struct_ref.pdbx_seq_one_letter_code   ? 
_struct_ref.pdbx_db_isoform            ? 
# 
_struct_ref_seq.align_id                      1 
_struct_ref_seq.ref_id                        1 
_struct_ref_seq.pdbx_PDB_id_code              1BW6 
_struct_ref_seq.pdbx_strand_id                A 
_struct_ref_seq.seq_align_beg                 1 
_struct_ref_seq.pdbx_seq_align_beg_ins_code   ? 
_struct_ref_seq.seq_align_end                 56 
_struct_ref_seq.pdbx_seq_align_end_ins_code   ? 
_struct_ref_seq.pdbx_db_accession             P07199 
_struct_ref_seq.db_align_beg                  1 
_struct_ref_seq.pdbx_db_align_beg_ins_code    ? 
_struct_ref_seq.db_align_end                  56 
_struct_ref_seq.pdbx_db_align_end_ins_code    ? 
_struct_ref_seq.pdbx_auth_seq_align_beg       1 
_struct_ref_seq.pdbx_auth_seq_align_end       56 
# 
_pdbx_struct_assembly.id                   1 
_pdbx_struct_assembly.details              author_defined_assembly 
_pdbx_struct_assembly.method_details       ? 
_pdbx_struct_assembly.oligomeric_details   monomeric 
_pdbx_struct_assembly.oligomeric_count     1 
# 
_pdbx_struct_assembly_gen.assembly_id       1 
_pdbx_struct_assembly_gen.oper_expression   1 
_pdbx_struct_assembly_gen.asym_id_list      A 
# 
_pdbx_struct_oper_list.id                   1 
_pdbx_struct_oper_list.type                 'identity operation' 
_pdbx_struct_oper_list.name                 1_555 
_pdbx_struct_oper_list.symmetry_operation   x,y,z 
_pdbx_struct_oper_list.matrix[1][1]         1.0000000000 
_pdbx_struct_oper_list.matrix[1][2]         0.0000000000 
_pdbx_struct_oper_list.matrix[1][3]         0.0000000000 
_pdbx_struct_oper_list.vector[1]            0.0000000000 
_pdbx_struct_oper_list.matrix[2][1]         0.0000000000 
_pdbx_struct_oper_list.matrix[2][2]         1.0000000000 
_pdbx_struct_oper_list.matrix[2][3]         0.0000000000 
_pdbx_struct_oper_list.vector[2]            0.0000000000 
_pdbx_struct_oper_list.matrix[3][1]         0.0000000000 
_pdbx_struct_oper_list.matrix[3][2]         0.0000000000 
_pdbx_struct_oper_list.matrix[3][3]         1.0000000000 
_pdbx_struct_oper_list.vector[3]            0.0000000000 
# 
_struct_biol.id   1 
# 
loop_
_struct_conf.conf_type_id 
_struct_conf.id 
_struct_conf.pdbx_PDB_helix_id 
_struct_conf.beg_label_comp_id 
_struct_conf.beg_label_asym_id 
_struct_conf.beg_label_seq_id 
_struct_conf.pdbx_beg_PDB_ins_code 
_struct_conf.end_label_comp_id 
_struct_conf.end_label_asym_id 
_struct_conf.end_label_seq_id 
_struct_conf.pdbx_end_PDB_ins_code 
_struct_conf.beg_auth_comp_id 
_struct_conf.beg_auth_asym_id 
_struct_conf.beg_auth_seq_id 
_struct_conf.end_auth_comp_id 
_struct_conf.end_auth_asym_id 
_struct_conf.end_auth_seq_id 
_struct_conf.pdbx_PDB_helix_class 
_struct_conf.details 
_struct_conf.pdbx_PDB_helix_length 
HELX_P HELX_P1 H1 PHE A 10 ? ASN A 23 ? PHE A 10 ASN A 23 1 ? 14 
HELX_P HELX_P2 H2 LYS A 28 ? PHE A 35 ? LYS A 28 PHE A 35 1 ? 8  
HELX_P HELX_P3 H3 SER A 40 ? ASN A 48 ? SER A 40 ASN A 48 1 ? 9  
HELX_P HELX_P4 H4 LYS A 49 ? ALA A 54 ? LYS A 49 ALA A 54 1 ? 6  
# 
_struct_conf_type.id          HELX_P 
_struct_conf_type.criteria    ? 
_struct_conf_type.reference   ? 
# 
loop_
_pdbx_validate_torsion.id 
_pdbx_validate_torsion.PDB_model_num 
_pdbx_validate_torsion.auth_comp_id 
_pdbx_validate_torsion.auth_asym_id 
_pdbx_validate_torsion.auth_seq_id 
_pdbx_validate_torsion.PDB_ins_code 
_pdbx_validate_torsion.label_alt_id 
_pdbx_validate_torsion.phi 
_pdbx_validate_torsion.psi 
1 1 PRO A 3  ? ? -78.64  -103.33 
2 1 ARG A 5  ? ? -166.44 -56.85  
3 1 ARG A 6  ? ? -140.32 -52.84  
4 1 ASN A 36 ? ? -163.17 -100.13 
5 1 PRO A 38 ? ? -59.67  174.18  
6 1 SER A 40 ? ? -100.52 -60.51  
# 
loop_
_pdbx_validate_planes.id 
_pdbx_validate_planes.PDB_model_num 
_pdbx_validate_planes.auth_comp_id 
_pdbx_validate_planes.auth_asym_id 
_pdbx_validate_planes.auth_seq_id 
_pdbx_validate_planes.PDB_ins_code 
_pdbx_validate_planes.label_alt_id 
_pdbx_validate_planes.rmsd 
_pdbx_validate_planes.type 
1 1 ARG A 5  ? ? 0.300 'SIDE CHAIN' 
2 1 ARG A 6  ? ? 0.287 'SIDE CHAIN' 
3 1 ARG A 11 ? ? 0.151 'SIDE CHAIN' 
4 1 ARG A 15 ? ? 0.305 'SIDE CHAIN' 
5 1 ARG A 27 ? ? 0.288 'SIDE CHAIN' 
6 1 ARG A 33 ? ? 0.211 'SIDE CHAIN' 
7 1 ARG A 34 ? ? 0.317 'SIDE CHAIN' 
8 1 ARG A 50 ? ? 0.299 'SIDE CHAIN' 
# 
_pdbx_SG_project.id                    1 
_pdbx_SG_project.project_name          ? 
_pdbx_SG_project.full_name_of_center   'RIKEN Structural Genomics/Proteomics Initiative' 
_pdbx_SG_project.initial_of_center     RSGI 
# 
_pdbx_nmr_ensemble.entry_id                                      1BW6 
_pdbx_nmr_ensemble.conformers_calculated_total_number            80 
_pdbx_nmr_ensemble.conformers_submitted_total_number             1 
_pdbx_nmr_ensemble.conformer_selection_criteria                  ? 
_pdbx_nmr_ensemble.average_constraints_per_residue               ? 
_pdbx_nmr_ensemble.average_constraint_violations_per_residue     ? 
_pdbx_nmr_ensemble.maximum_distance_constraint_violation         ? 
_pdbx_nmr_ensemble.average_distance_constraint_violation         ? 
_pdbx_nmr_ensemble.maximum_upper_distance_constraint_violation   ? 
_pdbx_nmr_ensemble.maximum_lower_distance_constraint_violation   ? 
_pdbx_nmr_ensemble.distance_constraint_violation_method          ? 
_pdbx_nmr_ensemble.maximum_torsion_angle_constraint_violation    ? 
_pdbx_nmr_ensemble.average_torsion_angle_constraint_violation    ? 
_pdbx_nmr_ensemble.torsion_angle_constraint_violation_method     ? 
# 
_pdbx_nmr_exptl_sample_conditions.conditions_id       1 
_pdbx_nmr_exptl_sample_conditions.temperature         303 
_pdbx_nmr_exptl_sample_conditions.pressure            ? 
_pdbx_nmr_exptl_sample_conditions.pH                  6.0 
_pdbx_nmr_exptl_sample_conditions.ionic_strength      '400 mM NA2SO4' 
_pdbx_nmr_exptl_sample_conditions.pressure_units      ? 
_pdbx_nmr_exptl_sample_conditions.temperature_units   K 
# 
_pdbx_nmr_details.entry_id   1BW6 
_pdbx_nmr_details.text       
;ENERGY-MINIMIZED STRUCTURE. THE STRUCTRURE WAS DETERMINED USING TRIPLE- 
RESONANCE NMR SPECTROSCOPY ON 13C, 15N-LABELED CENP-B DBD RP1.
;
# 
_pdbx_nmr_refine.entry_id           1BW6 
_pdbx_nmr_refine.method             'simulated annealing' 
_pdbx_nmr_refine.details            'REFINEMENT DETAILS CAN BE FOUND IN THE JRNL CITATION ABOVE.' 
_pdbx_nmr_refine.software_ordinal   1 
# 
loop_
_pdbx_nmr_software.classification 
_pdbx_nmr_software.name 
_pdbx_nmr_software.version 
_pdbx_nmr_software.authors 
_pdbx_nmr_software.ordinal 
refinement           X-PLOR 3.1 BRUNGER 1 
'structure solution' X-PLOR ?   ?       2 
# 
loop_
_chem_comp_atom.comp_id 
_chem_comp_atom.atom_id 
_chem_comp_atom.type_symbol 
_chem_comp_atom.pdbx_aromatic_flag 
_chem_comp_atom.pdbx_stereo_config 
_chem_comp_atom.pdbx_ordinal 
ALA N    N N N 1   
ALA CA   C N S 2   
ALA C    C N N 3   
ALA O    O N N 4   
ALA CB   C N N 5   
ALA OXT  O N N 6   
ALA H    H N N 7   
ALA H2   H N N 8   
ALA HA   H N N 9   
ALA HB1  H N N 10  
ALA HB2  H N N 11  
ALA HB3  H N N 12  
ALA HXT  H N N 13  
ARG N    N N N 14  
ARG CA   C N S 15  
ARG C    C N N 16  
ARG O    O N N 17  
ARG CB   C N N 18  
ARG CG   C N N 19  
ARG CD   C N N 20  
ARG NE   N N N 21  
ARG CZ   C N N 22  
ARG NH1  N N N 23  
ARG NH2  N N N 24  
ARG OXT  O N N 25  
ARG H    H N N 26  
ARG H2   H N N 27  
ARG HA   H N N 28  
ARG HB2  H N N 29  
ARG HB3  H N N 30  
ARG HG2  H N N 31  
ARG HG3  H N N 32  
ARG HD2  H N N 33  
ARG HD3  H N N 34  
ARG HE   H N N 35  
ARG HH11 H N N 36  
ARG HH12 H N N 37  
ARG HH21 H N N 38  
ARG HH22 H N N 39  
ARG HXT  H N N 40  
ASN N    N N N 41  
ASN CA   C N S 42  
ASN C    C N N 43  
ASN O    O N N 44  
ASN CB   C N N 45  
ASN CG   C N N 46  
ASN OD1  O N N 47  
ASN ND2  N N N 48  
ASN OXT  O N N 49  
ASN H    H N N 50  
ASN H2   H N N 51  
ASN HA   H N N 52  
ASN HB2  H N N 53  
ASN HB3  H N N 54  
ASN HD21 H N N 55  
ASN HD22 H N N 56  
ASN HXT  H N N 57  
ASP N    N N N 58  
ASP CA   C N S 59  
ASP C    C N N 60  
ASP O    O N N 61  
ASP CB   C N N 62  
ASP CG   C N N 63  
ASP OD1  O N N 64  
ASP OD2  O N N 65  
ASP OXT  O N N 66  
ASP H    H N N 67  
ASP H2   H N N 68  
ASP HA   H N N 69  
ASP HB2  H N N 70  
ASP HB3  H N N 71  
ASP HD2  H N N 72  
ASP HXT  H N N 73  
GLN N    N N N 74  
GLN CA   C N S 75  
GLN C    C N N 76  
GLN O    O N N 77  
GLN CB   C N N 78  
GLN CG   C N N 79  
GLN CD   C N N 80  
GLN OE1  O N N 81  
GLN NE2  N N N 82  
GLN OXT  O N N 83  
GLN H    H N N 84  
GLN H2   H N N 85  
GLN HA   H N N 86  
GLN HB2  H N N 87  
GLN HB3  H N N 88  
GLN HG2  H N N 89  
GLN HG3  H N N 90  
GLN HE21 H N N 91  
GLN HE22 H N N 92  
GLN HXT  H N N 93  
GLU N    N N N 94  
GLU CA   C N S 95  
GLU C    C N N 96  
GLU O    O N N 97  
GLU CB   C N N 98  
GLU CG   C N N 99  
GLU CD   C N N 100 
GLU OE1  O N N 101 
GLU OE2  O N N 102 
GLU OXT  O N N 103 
GLU H    H N N 104 
GLU H2   H N N 105 
GLU HA   H N N 106 
GLU HB2  H N N 107 
GLU HB3  H N N 108 
GLU HG2  H N N 109 
GLU HG3  H N N 110 
GLU HE2  H N N 111 
GLU HXT  H N N 112 
GLY N    N N N 113 
GLY CA   C N N 114 
GLY C    C N N 115 
GLY O    O N N 116 
GLY OXT  O N N 117 
GLY H    H N N 118 
GLY H2   H N N 119 
GLY HA2  H N N 120 
GLY HA3  H N N 121 
GLY HXT  H N N 122 
ILE N    N N N 123 
ILE CA   C N S 124 
ILE C    C N N 125 
ILE O    O N N 126 
ILE CB   C N S 127 
ILE CG1  C N N 128 
ILE CG2  C N N 129 
ILE CD1  C N N 130 
ILE OXT  O N N 131 
ILE H    H N N 132 
ILE H2   H N N 133 
ILE HA   H N N 134 
ILE HB   H N N 135 
ILE HG12 H N N 136 
ILE HG13 H N N 137 
ILE HG21 H N N 138 
ILE HG22 H N N 139 
ILE HG23 H N N 140 
ILE HD11 H N N 141 
ILE HD12 H N N 142 
ILE HD13 H N N 143 
ILE HXT  H N N 144 
LEU N    N N N 145 
LEU CA   C N S 146 
LEU C    C N N 147 
LEU O    O N N 148 
LEU CB   C N N 149 
LEU CG   C N N 150 
LEU CD1  C N N 151 
LEU CD2  C N N 152 
LEU OXT  O N N 153 
LEU H    H N N 154 
LEU H2   H N N 155 
LEU HA   H N N 156 
LEU HB2  H N N 157 
LEU HB3  H N N 158 
LEU HG   H N N 159 
LEU HD11 H N N 160 
LEU HD12 H N N 161 
LEU HD13 H N N 162 
LEU HD21 H N N 163 
LEU HD22 H N N 164 
LEU HD23 H N N 165 
LEU HXT  H N N 166 
LYS N    N N N 167 
LYS CA   C N S 168 
LYS C    C N N 169 
LYS O    O N N 170 
LYS CB   C N N 171 
LYS CG   C N N 172 
LYS CD   C N N 173 
LYS CE   C N N 174 
LYS NZ   N N N 175 
LYS OXT  O N N 176 
LYS H    H N N 177 
LYS H2   H N N 178 
LYS HA   H N N 179 
LYS HB2  H N N 180 
LYS HB3  H N N 181 
LYS HG2  H N N 182 
LYS HG3  H N N 183 
LYS HD2  H N N 184 
LYS HD3  H N N 185 
LYS HE2  H N N 186 
LYS HE3  H N N 187 
LYS HZ1  H N N 188 
LYS HZ2  H N N 189 
LYS HZ3  H N N 190 
LYS HXT  H N N 191 
MET N    N N N 192 
MET CA   C N S 193 
MET C    C N N 194 
MET O    O N N 195 
MET CB   C N N 196 
MET CG   C N N 197 
MET SD   S N N 198 
MET CE   C N N 199 
MET OXT  O N N 200 
MET H    H N N 201 
MET H2   H N N 202 
MET HA   H N N 203 
MET HB2  H N N 204 
MET HB3  H N N 205 
MET HG2  H N N 206 
MET HG3  H N N 207 
MET HE1  H N N 208 
MET HE2  H N N 209 
MET HE3  H N N 210 
MET HXT  H N N 211 
PHE N    N N N 212 
PHE CA   C N S 213 
PHE C    C N N 214 
PHE O    O N N 215 
PHE CB   C N N 216 
PHE CG   C Y N 217 
PHE CD1  C Y N 218 
PHE CD2  C Y N 219 
PHE CE1  C Y N 220 
PHE CE2  C Y N 221 
PHE CZ   C Y N 222 
PHE OXT  O N N 223 
PHE H    H N N 224 
PHE H2   H N N 225 
PHE HA   H N N 226 
PHE HB2  H N N 227 
PHE HB3  H N N 228 
PHE HD1  H N N 229 
PHE HD2  H N N 230 
PHE HE1  H N N 231 
PHE HE2  H N N 232 
PHE HZ   H N N 233 
PHE HXT  H N N 234 
PRO N    N N N 235 
PRO CA   C N S 236 
PRO C    C N N 237 
PRO O    O N N 238 
PRO CB   C N N 239 
PRO CG   C N N 240 
PRO CD   C N N 241 
PRO OXT  O N N 242 
PRO H    H N N 243 
PRO HA   H N N 244 
PRO HB2  H N N 245 
PRO HB3  H N N 246 
PRO HG2  H N N 247 
PRO HG3  H N N 248 
PRO HD2  H N N 249 
PRO HD3  H N N 250 
PRO HXT  H N N 251 
SER N    N N N 252 
SER CA   C N S 253 
SER C    C N N 254 
SER O    O N N 255 
SER CB   C N N 256 
SER OG   O N N 257 
SER OXT  O N N 258 
SER H    H N N 259 
SER H2   H N N 260 
SER HA   H N N 261 
SER HB2  H N N 262 
SER HB3  H N N 263 
SER HG   H N N 264 
SER HXT  H N N 265 
THR N    N N N 266 
THR CA   C N S 267 
THR C    C N N 268 
THR O    O N N 269 
THR CB   C N R 270 
THR OG1  O N N 271 
THR CG2  C N N 272 
THR OXT  O N N 273 
THR H    H N N 274 
THR H2   H N N 275 
THR HA   H N N 276 
THR HB   H N N 277 
THR HG1  H N N 278 
THR HG21 H N N 279 
THR HG22 H N N 280 
THR HG23 H N N 281 
THR HXT  H N N 282 
VAL N    N N N 283 
VAL CA   C N S 284 
VAL C    C N N 285 
VAL O    O N N 286 
VAL CB   C N N 287 
VAL CG1  C N N 288 
VAL CG2  C N N 289 
VAL OXT  O N N 290 
VAL H    H N N 291 
VAL H2   H N N 292 
VAL HA   H N N 293 
VAL HB   H N N 294 
VAL HG11 H N N 295 
VAL HG12 H N N 296 
VAL HG13 H N N 297 
VAL HG21 H N N 298 
VAL HG22 H N N 299 
VAL HG23 H N N 300 
VAL HXT  H N N 301 
# 
loop_
_chem_comp_bond.comp_id 
_chem_comp_bond.atom_id_1 
_chem_comp_bond.atom_id_2 
_chem_comp_bond.value_order 
_chem_comp_bond.pdbx_aromatic_flag 
_chem_comp_bond.pdbx_stereo_config 
_chem_comp_bond.pdbx_ordinal 
ALA N   CA   sing N N 1   
ALA N   H    sing N N 2   
ALA N   H2   sing N N 3   
ALA CA  C    sing N N 4   
ALA CA  CB   sing N N 5   
ALA CA  HA   sing N N 6   
ALA C   O    doub N N 7   
ALA C   OXT  sing N N 8   
ALA CB  HB1  sing N N 9   
ALA CB  HB2  sing N N 10  
ALA CB  HB3  sing N N 11  
ALA OXT HXT  sing N N 12  
ARG N   CA   sing N N 13  
ARG N   H    sing N N 14  
ARG N   H2   sing N N 15  
ARG CA  C    sing N N 16  
ARG CA  CB   sing N N 17  
ARG CA  HA   sing N N 18  
ARG C   O    doub N N 19  
ARG C   OXT  sing N N 20  
ARG CB  CG   sing N N 21  
ARG CB  HB2  sing N N 22  
ARG CB  HB3  sing N N 23  
ARG CG  CD   sing N N 24  
ARG CG  HG2  sing N N 25  
ARG CG  HG3  sing N N 26  
ARG CD  NE   sing N N 27  
ARG CD  HD2  sing N N 28  
ARG CD  HD3  sing N N 29  
ARG NE  CZ   sing N N 30  
ARG NE  HE   sing N N 31  
ARG CZ  NH1  sing N N 32  
ARG CZ  NH2  doub N N 33  
ARG NH1 HH11 sing N N 34  
ARG NH1 HH12 sing N N 35  
ARG NH2 HH21 sing N N 36  
ARG NH2 HH22 sing N N 37  
ARG OXT HXT  sing N N 38  
ASN N   CA   sing N N 39  
ASN N   H    sing N N 40  
ASN N   H2   sing N N 41  
ASN CA  C    sing N N 42  
ASN CA  CB   sing N N 43  
ASN CA  HA   sing N N 44  
ASN C   O    doub N N 45  
ASN C   OXT  sing N N 46  
ASN CB  CG   sing N N 47  
ASN CB  HB2  sing N N 48  
ASN CB  HB3  sing N N 49  
ASN CG  OD1  doub N N 50  
ASN CG  ND2  sing N N 51  
ASN ND2 HD21 sing N N 52  
ASN ND2 HD22 sing N N 53  
ASN OXT HXT  sing N N 54  
ASP N   CA   sing N N 55  
ASP N   H    sing N N 56  
ASP N   H2   sing N N 57  
ASP CA  C    sing N N 58  
ASP CA  CB   sing N N 59  
ASP CA  HA   sing N N 60  
ASP C   O    doub N N 61  
ASP C   OXT  sing N N 62  
ASP CB  CG   sing N N 63  
ASP CB  HB2  sing N N 64  
ASP CB  HB3  sing N N 65  
ASP CG  OD1  doub N N 66  
ASP CG  OD2  sing N N 67  
ASP OD2 HD2  sing N N 68  
ASP OXT HXT  sing N N 69  
GLN N   CA   sing N N 70  
GLN N   H    sing N N 71  
GLN N   H2   sing N N 72  
GLN CA  C    sing N N 73  
GLN CA  CB   sing N N 74  
GLN CA  HA   sing N N 75  
GLN C   O    doub N N 76  
GLN C   OXT  sing N N 77  
GLN CB  CG   sing N N 78  
GLN CB  HB2  sing N N 79  
GLN CB  HB3  sing N N 80  
GLN CG  CD   sing N N 81  
GLN CG  HG2  sing N N 82  
GLN CG  HG3  sing N N 83  
GLN CD  OE1  doub N N 84  
GLN CD  NE2  sing N N 85  
GLN NE2 HE21 sing N N 86  
GLN NE2 HE22 sing N N 87  
GLN OXT HXT  sing N N 88  
GLU N   CA   sing N N 89  
GLU N   H    sing N N 90  
GLU N   H2   sing N N 91  
GLU CA  C    sing N N 92  
GLU CA  CB   sing N N 93  
GLU CA  HA   sing N N 94  
GLU C   O    doub N N 95  
GLU C   OXT  sing N N 96  
GLU CB  CG   sing N N 97  
GLU CB  HB2  sing N N 98  
GLU CB  HB3  sing N N 99  
GLU CG  CD   sing N N 100 
GLU CG  HG2  sing N N 101 
GLU CG  HG3  sing N N 102 
GLU CD  OE1  doub N N 103 
GLU CD  OE2  sing N N 104 
GLU OE2 HE2  sing N N 105 
GLU OXT HXT  sing N N 106 
GLY N   CA   sing N N 107 
GLY N   H    sing N N 108 
GLY N   H2   sing N N 109 
GLY CA  C    sing N N 110 
GLY CA  HA2  sing N N 111 
GLY CA  HA3  sing N N 112 
GLY C   O    doub N N 113 
GLY C   OXT  sing N N 114 
GLY OXT HXT  sing N N 115 
ILE N   CA   sing N N 116 
ILE N   H    sing N N 117 
ILE N   H2   sing N N 118 
ILE CA  C    sing N N 119 
ILE CA  CB   sing N N 120 
ILE CA  HA   sing N N 121 
ILE C   O    doub N N 122 
ILE C   OXT  sing N N 123 
ILE CB  CG1  sing N N 124 
ILE CB  CG2  sing N N 125 
ILE CB  HB   sing N N 126 
ILE CG1 CD1  sing N N 127 
ILE CG1 HG12 sing N N 128 
ILE CG1 HG13 sing N N 129 
ILE CG2 HG21 sing N N 130 
ILE CG2 HG22 sing N N 131 
ILE CG2 HG23 sing N N 132 
ILE CD1 HD11 sing N N 133 
ILE CD1 HD12 sing N N 134 
ILE CD1 HD13 sing N N 135 
ILE OXT HXT  sing N N 136 
LEU N   CA   sing N N 137 
LEU N   H    sing N N 138 
LEU N   H2   sing N N 139 
LEU CA  C    sing N N 140 
LEU CA  CB   sing N N 141 
LEU CA  HA   sing N N 142 
LEU C   O    doub N N 143 
LEU C   OXT  sing N N 144 
LEU CB  CG   sing N N 145 
LEU CB  HB2  sing N N 146 
LEU CB  HB3  sing N N 147 
LEU CG  CD1  sing N N 148 
LEU CG  CD2  sing N N 149 
LEU CG  HG   sing N N 150 
LEU CD1 HD11 sing N N 151 
LEU CD1 HD12 sing N N 152 
LEU CD1 HD13 sing N N 153 
LEU CD2 HD21 sing N N 154 
LEU CD2 HD22 sing N N 155 
LEU CD2 HD23 sing N N 156 
LEU OXT HXT  sing N N 157 
LYS N   CA   sing N N 158 
LYS N   H    sing N N 159 
LYS N   H2   sing N N 160 
LYS CA  C    sing N N 161 
LYS CA  CB   sing N N 162 
LYS CA  HA   sing N N 163 
LYS C   O    doub N N 164 
LYS C   OXT  sing N N 165 
LYS CB  CG   sing N N 166 
LYS CB  HB2  sing N N 167 
LYS CB  HB3  sing N N 168 
LYS CG  CD   sing N N 169 
LYS CG  HG2  sing N N 170 
LYS CG  HG3  sing N N 171 
LYS CD  CE   sing N N 172 
LYS CD  HD2  sing N N 173 
LYS CD  HD3  sing N N 174 
LYS CE  NZ   sing N N 175 
LYS CE  HE2  sing N N 176 
LYS CE  HE3  sing N N 177 
LYS NZ  HZ1  sing N N 178 
LYS NZ  HZ2  sing N N 179 
LYS NZ  HZ3  sing N N 180 
LYS OXT HXT  sing N N 181 
MET N   CA   sing N N 182 
MET N   H    sing N N 183 
MET N   H2   sing N N 184 
MET CA  C    sing N N 185 
MET CA  CB   sing N N 186 
MET CA  HA   sing N N 187 
MET C   O    doub N N 188 
MET C   OXT  sing N N 189 
MET CB  CG   sing N N 190 
MET CB  HB2  sing N N 191 
MET CB  HB3  sing N N 192 
MET CG  SD   sing N N 193 
MET CG  HG2  sing N N 194 
MET CG  HG3  sing N N 195 
MET SD  CE   sing N N 196 
MET CE  HE1  sing N N 197 
MET CE  HE2  sing N N 198 
MET CE  HE3  sing N N 199 
MET OXT HXT  sing N N 200 
PHE N   CA   sing N N 201 
PHE N   H    sing N N 202 
PHE N   H2   sing N N 203 
PHE CA  C    sing N N 204 
PHE CA  CB   sing N N 205 
PHE CA  HA   sing N N 206 
PHE C   O    doub N N 207 
PHE C   OXT  sing N N 208 
PHE CB  CG   sing N N 209 
PHE CB  HB2  sing N N 210 
PHE CB  HB3  sing N N 211 
PHE CG  CD1  doub Y N 212 
PHE CG  CD2  sing Y N 213 
PHE CD1 CE1  sing Y N 214 
PHE CD1 HD1  sing N N 215 
PHE CD2 CE2  doub Y N 216 
PHE CD2 HD2  sing N N 217 
PHE CE1 CZ   doub Y N 218 
PHE CE1 HE1  sing N N 219 
PHE CE2 CZ   sing Y N 220 
PHE CE2 HE2  sing N N 221 
PHE CZ  HZ   sing N N 222 
PHE OXT HXT  sing N N 223 
PRO N   CA   sing N N 224 
PRO N   CD   sing N N 225 
PRO N   H    sing N N 226 
PRO CA  C    sing N N 227 
PRO CA  CB   sing N N 228 
PRO CA  HA   sing N N 229 
PRO C   O    doub N N 230 
PRO C   OXT  sing N N 231 
PRO CB  CG   sing N N 232 
PRO CB  HB2  sing N N 233 
PRO CB  HB3  sing N N 234 
PRO CG  CD   sing N N 235 
PRO CG  HG2  sing N N 236 
PRO CG  HG3  sing N N 237 
PRO CD  HD2  sing N N 238 
PRO CD  HD3  sing N N 239 
PRO OXT HXT  sing N N 240 
SER N   CA   sing N N 241 
SER N   H    sing N N 242 
SER N   H2   sing N N 243 
SER CA  C    sing N N 244 
SER CA  CB   sing N N 245 
SER CA  HA   sing N N 246 
SER C   O    doub N N 247 
SER C   OXT  sing N N 248 
SER CB  OG   sing N N 249 
SER CB  HB2  sing N N 250 
SER CB  HB3  sing N N 251 
SER OG  HG   sing N N 252 
SER OXT HXT  sing N N 253 
THR N   CA   sing N N 254 
THR N   H    sing N N 255 
THR N   H2   sing N N 256 
THR CA  C    sing N N 257 
THR CA  CB   sing N N 258 
THR CA  HA   sing N N 259 
THR C   O    doub N N 260 
THR C   OXT  sing N N 261 
THR CB  OG1  sing N N 262 
THR CB  CG2  sing N N 263 
THR CB  HB   sing N N 264 
THR OG1 HG1  sing N N 265 
THR CG2 HG21 sing N N 266 
THR CG2 HG22 sing N N 267 
THR CG2 HG23 sing N N 268 
THR OXT HXT  sing N N 269 
VAL N   CA   sing N N 270 
VAL N   H    sing N N 271 
VAL N   H2   sing N N 272 
VAL CA  C    sing N N 273 
VAL CA  CB   sing N N 274 
VAL CA  HA   sing N N 275 
VAL C   O    doub N N 276 
VAL C   OXT  sing N N 277 
VAL CB  CG1  sing N N 278 
VAL CB  CG2  sing N N 279 
VAL CB  HB   sing N N 280 
VAL CG1 HG11 sing N N 281 
VAL CG1 HG12 sing N N 282 
VAL CG1 HG13 sing N N 283 
VAL CG2 HG21 sing N N 284 
VAL CG2 HG22 sing N N 285 
VAL CG2 HG23 sing N N 286 
VAL OXT HXT  sing N N 287 
# 
loop_
_pdbx_nmr_spectrometer.spectrometer_id 
_pdbx_nmr_spectrometer.model 
_pdbx_nmr_spectrometer.manufacturer 
_pdbx_nmr_spectrometer.field_strength 
_pdbx_nmr_spectrometer.type 
1 DMX-500 Bruker 500 ? 
2 AMX-600 Bruker 600 ? 
# 
_atom_sites.entry_id                    1BW6 
_atom_sites.fract_transf_matrix[1][1]   1.000000 
_atom_sites.fract_transf_matrix[1][2]   0.000000 
_atom_sites.fract_transf_matrix[1][3]   0.000000 
_atom_sites.fract_transf_matrix[2][1]   0.000000 
_atom_sites.fract_transf_matrix[2][2]   1.000000 
_atom_sites.fract_transf_matrix[2][3]   0.000000 
_atom_sites.fract_transf_matrix[3][1]   0.000000 
_atom_sites.fract_transf_matrix[3][2]   0.000000 
_atom_sites.fract_transf_matrix[3][3]   1.000000 
_atom_sites.fract_transf_vector[1]      0.00000 
_atom_sites.fract_transf_vector[2]      0.00000 
_atom_sites.fract_transf_vector[3]      0.00000 
# 
loop_
_atom_type.symbol 
C 
H 
N 
O 
S 
# 
loop_
_atom_site.group_PDB 
_atom_site.id 
_atom_site.type_symbol 
_atom_site.label_atom_id 
_atom_site.label_alt_id 
_atom_site.label_comp_id 
_atom_site.label_asym_id 
_atom_site.label_entity_id 
_atom_site.label_seq_id 
_atom_site.pdbx_PDB_ins_code 
_atom_site.Cartn_x 
_atom_site.Cartn_y 
_atom_site.Cartn_z 
_atom_site.occupancy 
_atom_site.B_iso_or_equiv 
_atom_site.pdbx_formal_charge 
_atom_site.auth_seq_id 
_atom_site.auth_comp_id 
_atom_site.auth_asym_id 
_atom_site.auth_atom_id 
_atom_site.pdbx_PDB_model_num 
ATOM 1   N N    . MET A 1 1  ? -15.671 2.862   4.515   1.00 4.14 ? 1  MET A N    1 
ATOM 2   C CA   . MET A 1 1  ? -15.354 4.255   4.059   1.00 3.69 ? 1  MET A CA   1 
ATOM 3   C C    . MET A 1 1  ? -14.315 4.911   4.982   1.00 3.70 ? 1  MET A C    1 
ATOM 4   O O    . MET A 1 1  ? -14.551 5.117   6.158   1.00 4.53 ? 1  MET A O    1 
ATOM 5   C CB   . MET A 1 1  ? -16.684 5.028   4.094   1.00 3.80 ? 1  MET A CB   1 
ATOM 6   C CG   . MET A 1 1  ? -17.320 4.961   5.488   1.00 4.21 ? 1  MET A CG   1 
ATOM 7   S SD   . MET A 1 1  ? -18.952 4.191   5.360   1.00 5.20 ? 1  MET A SD   1 
ATOM 8   C CE   . MET A 1 1  ? -18.571 2.703   6.316   1.00 5.73 ? 1  MET A CE   1 
ATOM 9   H H1   . MET A 1 1  ? -15.643 2.816   5.555   1.00 4.45 ? 1  MET A H1   1 
ATOM 10  H H2   . MET A 1 1  ? -16.620 2.595   4.180   1.00 4.41 ? 1  MET A H2   1 
ATOM 11  H H3   . MET A 1 1  ? -14.971 2.200   4.120   1.00 4.39 ? 1  MET A H3   1 
ATOM 12  H HA   . MET A 1 1  ? -14.982 4.229   3.047   1.00 3.94 ? 1  MET A HA   1 
ATOM 13  H HB2  . MET A 1 1  ? -16.502 6.062   3.834   1.00 4.21 ? 1  MET A HB2  1 
ATOM 14  H HB3  . MET A 1 1  ? -17.364 4.597   3.376   1.00 3.84 ? 1  MET A HB3  1 
ATOM 15  H HG2  . MET A 1 1  ? -16.698 4.374   6.145   1.00 4.31 ? 1  MET A HG2  1 
ATOM 16  H HG3  . MET A 1 1  ? -17.421 5.960   5.887   1.00 4.37 ? 1  MET A HG3  1 
ATOM 17  H HE1  . MET A 1 1  ? -17.737 2.188   5.858   1.00 5.92 ? 1  MET A HE1  1 
ATOM 18  H HE2  . MET A 1 1  ? -18.315 2.984   7.327   1.00 5.91 ? 1  MET A HE2  1 
ATOM 19  H HE3  . MET A 1 1  ? -19.429 2.051   6.334   1.00 6.10 ? 1  MET A HE3  1 
ATOM 20  N N    . GLY A 1 2  ? -13.166 5.240   4.448   1.00 3.09 ? 2  GLY A N    1 
ATOM 21  C CA   . GLY A 1 2  ? -12.103 5.886   5.272   1.00 3.50 ? 2  GLY A CA   1 
ATOM 22  C C    . GLY A 1 2  ? -11.061 6.513   4.342   1.00 2.82 ? 2  GLY A C    1 
ATOM 23  O O    . GLY A 1 2  ? -11.065 7.711   4.135   1.00 2.63 ? 2  GLY A O    1 
ATOM 24  H H    . GLY A 1 2  ? -13.004 5.061   3.499   1.00 2.62 ? 2  GLY A H    1 
ATOM 25  H HA2  . GLY A 1 2  ? -12.542 6.655   5.889   1.00 4.22 ? 2  GLY A HA2  1 
ATOM 26  H HA3  . GLY A 1 2  ? -11.630 5.144   5.895   1.00 3.92 ? 2  GLY A HA3  1 
ATOM 27  N N    . PRO A 1 3  ? -10.201 5.682   3.794   1.00 2.92 ? 3  PRO A N    1 
ATOM 28  C CA   . PRO A 1 3  ? -9.162  6.176   2.861   1.00 2.58 ? 3  PRO A CA   1 
ATOM 29  C C    . PRO A 1 3  ? -9.798  6.414   1.476   1.00 1.62 ? 3  PRO A C    1 
ATOM 30  O O    . PRO A 1 3  ? -10.508 7.382   1.288   1.00 1.92 ? 3  PRO A O    1 
ATOM 31  C CB   . PRO A 1 3  ? -8.137  5.044   2.842   1.00 3.50 ? 3  PRO A CB   1 
ATOM 32  C CG   . PRO A 1 3  ? -8.908  3.806   3.182   1.00 4.16 ? 3  PRO A CG   1 
ATOM 33  C CD   . PRO A 1 3  ? -10.126 4.226   3.978   1.00 3.82 ? 3  PRO A CD   1 
ATOM 34  H HA   . PRO A 1 3  ? -8.712  7.081   3.236   1.00 2.85 ? 3  PRO A HA   1 
ATOM 35  H HB2  . PRO A 1 3  ? -7.687  4.959   1.863   1.00 3.47 ? 3  PRO A HB2  1 
ATOM 36  H HB3  . PRO A 1 3  ? -7.376  5.217   3.587   1.00 4.03 ? 3  PRO A HB3  1 
ATOM 37  H HG2  . PRO A 1 3  ? -9.216  3.305   2.273   1.00 4.33 ? 3  PRO A HG2  1 
ATOM 38  H HG3  . PRO A 1 3  ? -8.297  3.146   3.775   1.00 4.97 ? 3  PRO A HG3  1 
ATOM 39  H HD2  . PRO A 1 3  ? -11.014 3.750   3.585   1.00 3.80 ? 3  PRO A HD2  1 
ATOM 40  H HD3  . PRO A 1 3  ? -9.996  3.990   5.024   1.00 4.50 ? 3  PRO A HD3  1 
ATOM 41  N N    . LYS A 1 4  ? -9.581  5.530   0.518   1.00 0.94 ? 4  LYS A N    1 
ATOM 42  C CA   . LYS A 1 4  ? -10.203 5.693   -0.839  1.00 1.46 ? 4  LYS A CA   1 
ATOM 43  C C    . LYS A 1 4  ? -10.046 7.126   -1.377  1.00 1.57 ? 4  LYS A C    1 
ATOM 44  O O    . LYS A 1 4  ? -10.936 7.645   -2.029  1.00 2.23 ? 4  LYS A O    1 
ATOM 45  C CB   . LYS A 1 4  ? -11.682 5.357   -0.612  1.00 2.10 ? 4  LYS A CB   1 
ATOM 46  C CG   . LYS A 1 4  ? -11.900 3.857   -0.833  1.00 2.31 ? 4  LYS A CG   1 
ATOM 47  C CD   . LYS A 1 4  ? -11.748 3.117   0.499   1.00 2.79 ? 4  LYS A CD   1 
ATOM 48  C CE   . LYS A 1 4  ? -12.943 3.428   1.408   1.00 2.95 ? 4  LYS A CE   1 
ATOM 49  N NZ   . LYS A 1 4  ? -14.074 2.629   0.856   1.00 3.57 ? 4  LYS A NZ   1 
ATOM 50  H H    . LYS A 1 4  ? -9.029  4.743   0.694   1.00 0.90 ? 4  LYS A H    1 
ATOM 51  H HA   . LYS A 1 4  ? -9.777  4.987   -1.533  1.00 2.10 ? 4  LYS A HA   1 
ATOM 52  H HB2  . LYS A 1 4  ? -11.958 5.616   0.401   1.00 2.22 ? 4  LYS A HB2  1 
ATOM 53  H HB3  . LYS A 1 4  ? -12.294 5.916   -1.303  1.00 2.94 ? 4  LYS A HB3  1 
ATOM 54  H HG2  . LYS A 1 4  ? -12.892 3.688   -1.230  1.00 2.67 ? 4  LYS A HG2  1 
ATOM 55  H HG3  . LYS A 1 4  ? -11.165 3.487   -1.531  1.00 2.39 ? 4  LYS A HG3  1 
ATOM 56  H HD2  . LYS A 1 4  ? -11.706 2.054   0.316   1.00 3.30 ? 4  LYS A HD2  1 
ATOM 57  H HD3  . LYS A 1 4  ? -10.839 3.434   0.985   1.00 3.17 ? 4  LYS A HD3  1 
ATOM 58  H HE2  . LYS A 1 4  ? -12.725 3.125   2.424   1.00 2.90 ? 4  LYS A HE2  1 
ATOM 59  H HE3  . LYS A 1 4  ? -13.180 4.480   1.372   1.00 3.29 ? 4  LYS A HE3  1 
ATOM 60  H HZ1  . LYS A 1 4  ? -13.717 1.719   0.499   1.00 3.79 ? 4  LYS A HZ1  1 
ATOM 61  H HZ2  . LYS A 1 4  ? -14.774 2.459   1.604   1.00 3.99 ? 4  LYS A HZ2  1 
ATOM 62  H HZ3  . LYS A 1 4  ? -14.520 3.152   0.077   1.00 3.85 ? 4  LYS A HZ3  1 
ATOM 63  N N    . ARG A 1 5  ? -8.931  7.776   -1.119  1.00 1.23 ? 5  ARG A N    1 
ATOM 64  C CA   . ARG A 1 5  ? -8.759  9.172   -1.629  1.00 1.51 ? 5  ARG A CA   1 
ATOM 65  C C    . ARG A 1 5  ? -7.298  9.649   -1.529  1.00 1.66 ? 5  ARG A C    1 
ATOM 66  O O    . ARG A 1 5  ? -6.715  10.052  -2.519  1.00 2.29 ? 5  ARG A O    1 
ATOM 67  C CB   . ARG A 1 5  ? -9.676  10.020  -0.741  1.00 1.87 ? 5  ARG A CB   1 
ATOM 68  C CG   . ARG A 1 5  ? -9.470  11.506  -1.049  1.00 2.25 ? 5  ARG A CG   1 
ATOM 69  C CD   . ARG A 1 5  ? -10.684 12.306  -0.567  1.00 2.64 ? 5  ARG A CD   1 
ATOM 70  N NE   . ARG A 1 5  ? -10.242 13.731  -0.594  1.00 3.14 ? 5  ARG A NE   1 
ATOM 71  C CZ   . ARG A 1 5  ? -10.804 14.582  -1.413  1.00 3.86 ? 5  ARG A CZ   1 
ATOM 72  N NH1  . ARG A 1 5  ? -12.022 15.005  -1.188  1.00 4.40 ? 5  ARG A NH1  1 
ATOM 73  N NH2  . ARG A 1 5  ? -10.142 15.017  -2.457  1.00 4.40 ? 5  ARG A NH2  1 
ATOM 74  H H    . ARG A 1 5  ? -8.220  7.353   -0.594  1.00 1.14 ? 5  ARG A H    1 
ATOM 75  H HA   . ARG A 1 5  ? -9.097  9.233   -2.651  1.00 1.83 ? 5  ARG A HA   1 
ATOM 76  H HB2  . ARG A 1 5  ? -10.705 9.752   -0.937  1.00 2.08 ? 5  ARG A HB2  1 
ATOM 77  H HB3  . ARG A 1 5  ? -9.448  9.831   0.296   1.00 2.03 ? 5  ARG A HB3  1 
ATOM 78  H HG2  . ARG A 1 5  ? -8.582  11.855  -0.540  1.00 2.78 ? 5  ARG A HG2  1 
ATOM 79  H HG3  . ARG A 1 5  ? -9.351  11.641  -2.113  1.00 2.35 ? 5  ARG A HG3  1 
ATOM 80  H HD2  . ARG A 1 5  ? -11.521 12.154  -1.235  1.00 2.76 ? 5  ARG A HD2  1 
ATOM 81  H HD3  . ARG A 1 5  ? -10.947 12.021  0.441   1.00 3.17 ? 5  ARG A HD3  1 
ATOM 82  H HE   . ARG A 1 5  ? -9.528  14.031  0.007   1.00 3.29 ? 5  ARG A HE   1 
ATOM 83  H HH11 . ARG A 1 5  ? -12.524 14.677  -0.388  1.00 4.40 ? 5  ARG A HH11 1 
ATOM 84  H HH12 . ARG A 1 5  ? -12.450 15.659  -1.814  1.00 5.03 ? 5  ARG A HH12 1 
ATOM 85  H HH21 . ARG A 1 5  ? -9.209  14.699  -2.626  1.00 4.38 ? 5  ARG A HH21 1 
ATOM 86  H HH22 . ARG A 1 5  ? -10.567 15.672  -3.083  1.00 5.07 ? 5  ARG A HH22 1 
ATOM 87  N N    . ARG A 1 6  ? -6.707  9.633   -0.352  1.00 1.52 ? 6  ARG A N    1 
ATOM 88  C CA   . ARG A 1 6  ? -5.294  10.117  -0.232  1.00 2.00 ? 6  ARG A CA   1 
ATOM 89  C C    . ARG A 1 6  ? -4.460  9.249   0.725   1.00 1.81 ? 6  ARG A C    1 
ATOM 90  O O    . ARG A 1 6  ? -3.389  8.801   0.367   1.00 2.53 ? 6  ARG A O    1 
ATOM 91  C CB   . ARG A 1 6  ? -5.398  11.550  0.299   1.00 2.50 ? 6  ARG A CB   1 
ATOM 92  C CG   . ARG A 1 6  ? -4.184  12.352  -0.184  1.00 3.28 ? 6  ARG A CG   1 
ATOM 93  C CD   . ARG A 1 6  ? -4.023  13.618  0.663   1.00 3.78 ? 6  ARG A CD   1 
ATOM 94  N NE   . ARG A 1 6  ? -3.481  13.148  1.972   1.00 3.58 ? 6  ARG A NE   1 
ATOM 95  C CZ   . ARG A 1 6  ? -2.851  13.981  2.756   1.00 4.21 ? 6  ARG A CZ   1 
ATOM 96  N NH1  . ARG A 1 6  ? -3.497  14.986  3.293   1.00 4.45 ? 6  ARG A NH1  1 
ATOM 97  N NH2  . ARG A 1 6  ? -1.579  13.809  3.006   1.00 4.92 ? 6  ARG A NH2  1 
ATOM 98  H H    . ARG A 1 6  ? -7.191  9.324   0.441   1.00 1.45 ? 6  ARG A H    1 
ATOM 99  H HA   . ARG A 1 6  ? -4.830  10.133  -1.205  1.00 2.45 ? 6  ARG A HA   1 
ATOM 100 H HB2  . ARG A 1 6  ? -6.306  12.008  -0.069  1.00 2.77 ? 6  ARG A HB2  1 
ATOM 101 H HB3  . ARG A 1 6  ? -5.412  11.536  1.379   1.00 2.45 ? 6  ARG A HB3  1 
ATOM 102 H HG2  . ARG A 1 6  ? -3.296  11.744  -0.096  1.00 3.63 ? 6  ARG A HG2  1 
ATOM 103 H HG3  . ARG A 1 6  ? -4.328  12.630  -1.218  1.00 3.61 ? 6  ARG A HG3  1 
ATOM 104 H HD2  . ARG A 1 6  ? -3.327  14.298  0.188   1.00 4.24 ? 6  ARG A HD2  1 
ATOM 105 H HD3  . ARG A 1 6  ? -4.978  14.100  0.809   1.00 4.24 ? 6  ARG A HD3  1 
ATOM 106 H HE   . ARG A 1 6  ? -3.597  12.213  2.245   1.00 3.18 ? 6  ARG A HE   1 
ATOM 107 H HH11 . ARG A 1 6  ? -4.470  15.115  3.099   1.00 4.30 ? 6  ARG A HH11 1 
ATOM 108 H HH12 . ARG A 1 6  ? -3.021  15.624  3.897   1.00 5.02 ? 6  ARG A HH12 1 
ATOM 109 H HH21 . ARG A 1 6  ? -1.089  13.038  2.595   1.00 5.08 ? 6  ARG A HH21 1 
ATOM 110 H HH22 . ARG A 1 6  ? -1.094  14.444  3.606   1.00 5.48 ? 6  ARG A HH22 1 
ATOM 111 N N    . GLN A 1 7  ? -4.913  9.025   1.941   1.00 1.36 ? 7  GLN A N    1 
ATOM 112 C CA   . GLN A 1 7  ? -4.094  8.201   2.895   1.00 1.35 ? 7  GLN A CA   1 
ATOM 113 C C    . GLN A 1 7  ? -4.965  7.220   3.700   1.00 1.27 ? 7  GLN A C    1 
ATOM 114 O O    . GLN A 1 7  ? -6.157  7.113   3.487   1.00 1.49 ? 7  GLN A O    1 
ATOM 115 C CB   . GLN A 1 7  ? -3.425  9.225   3.823   1.00 1.33 ? 7  GLN A CB   1 
ATOM 116 C CG   . GLN A 1 7  ? -4.430  9.736   4.863   1.00 1.57 ? 7  GLN A CG   1 
ATOM 117 C CD   . GLN A 1 7  ? -4.716  11.217  4.611   1.00 1.76 ? 7  GLN A CD   1 
ATOM 118 O OE1  . GLN A 1 7  ? -3.935  12.069  4.983   1.00 2.03 ? 7  GLN A OE1  1 
ATOM 119 N NE2  . GLN A 1 7  ? -5.811  11.562  3.988   1.00 1.87 ? 7  GLN A NE2  1 
ATOM 120 H H    . GLN A 1 7  ? -5.768  9.407   2.228   1.00 1.58 ? 7  GLN A H    1 
ATOM 121 H HA   . GLN A 1 7  ? -3.334  7.658   2.355   1.00 1.69 ? 7  GLN A HA   1 
ATOM 122 H HB2  . GLN A 1 7  ? -2.592  8.757   4.328   1.00 1.87 ? 7  GLN A HB2  1 
ATOM 123 H HB3  . GLN A 1 7  ? -3.065  10.056  3.236   1.00 1.64 ? 7  GLN A HB3  1 
ATOM 124 H HG2  . GLN A 1 7  ? -5.350  9.174   4.786   1.00 1.78 ? 7  GLN A HG2  1 
ATOM 125 H HG3  . GLN A 1 7  ? -4.018  9.615   5.853   1.00 2.25 ? 7  GLN A HG3  1 
ATOM 126 H HE21 . GLN A 1 7  ? -6.443  10.875  3.687   1.00 1.87 ? 7  GLN A HE21 1 
ATOM 127 H HE22 . GLN A 1 7  ? -6.000  12.508  3.820   1.00 2.09 ? 7  GLN A HE22 1 
ATOM 128 N N    . LEU A 1 8  ? -4.360  6.503   4.625   1.00 1.06 ? 8  LEU A N    1 
ATOM 129 C CA   . LEU A 1 8  ? -5.120  5.516   5.461   1.00 1.06 ? 8  LEU A CA   1 
ATOM 130 C C    . LEU A 1 8  ? -4.380  5.251   6.791   1.00 0.96 ? 8  LEU A C    1 
ATOM 131 O O    . LEU A 1 8  ? -3.471  5.976   7.154   1.00 1.01 ? 8  LEU A O    1 
ATOM 132 C CB   . LEU A 1 8  ? -5.196  4.244   4.602   1.00 1.14 ? 8  LEU A CB   1 
ATOM 133 C CG   . LEU A 1 8  ? -3.793  3.826   4.140   1.00 0.97 ? 8  LEU A CG   1 
ATOM 134 C CD1  . LEU A 1 8  ? -3.247  2.755   5.079   1.00 1.29 ? 8  LEU A CD1  1 
ATOM 135 C CD2  . LEU A 1 8  ? -3.866  3.263   2.719   1.00 1.34 ? 8  LEU A CD2  1 
ATOM 136 H H    . LEU A 1 8  ? -3.396  6.615   4.768   1.00 0.98 ? 8  LEU A H    1 
ATOM 137 H HA   . LEU A 1 8  ? -6.116  5.883   5.658   1.00 1.19 ? 8  LEU A HA   1 
ATOM 138 H HB2  . LEU A 1 8  ? -5.634  3.446   5.181   1.00 1.48 ? 8  LEU A HB2  1 
ATOM 139 H HB3  . LEU A 1 8  ? -5.812  4.435   3.735   1.00 1.44 ? 8  LEU A HB3  1 
ATOM 140 H HG   . LEU A 1 8  ? -3.136  4.683   4.155   1.00 1.31 ? 8  LEU A HG   1 
ATOM 141 H HD11 . LEU A 1 8  ? -3.951  2.585   5.879   1.00 1.55 ? 8  LEU A HD11 1 
ATOM 142 H HD12 . LEU A 1 8  ? -3.095  1.836   4.531   1.00 1.70 ? 8  LEU A HD12 1 
ATOM 143 H HD13 . LEU A 1 8  ? -2.307  3.087   5.494   1.00 1.71 ? 8  LEU A HD13 1 
ATOM 144 H HD21 . LEU A 1 8  ? -4.899  3.191   2.412   1.00 1.66 ? 8  LEU A HD21 1 
ATOM 145 H HD22 . LEU A 1 8  ? -3.335  3.918   2.043   1.00 1.76 ? 8  LEU A HD22 1 
ATOM 146 H HD23 . LEU A 1 8  ? -3.417  2.280   2.696   1.00 1.95 ? 8  LEU A HD23 1 
ATOM 147 N N    . THR A 1 9  ? -4.764  4.226   7.527   1.00 0.89 ? 9  THR A N    1 
ATOM 148 C CA   . THR A 1 9  ? -4.081  3.935   8.836   1.00 0.86 ? 9  THR A CA   1 
ATOM 149 C C    . THR A 1 9  ? -2.893  2.979   8.632   1.00 0.73 ? 9  THR A C    1 
ATOM 150 O O    . THR A 1 9  ? -2.908  2.130   7.764   1.00 0.77 ? 9  THR A O    1 
ATOM 151 C CB   . THR A 1 9  ? -5.142  3.283   9.739   1.00 0.90 ? 9  THR A CB   1 
ATOM 152 O OG1  . THR A 1 9  ? -5.561  2.049   9.171   1.00 0.86 ? 9  THR A OG1  1 
ATOM 153 C CG2  . THR A 1 9  ? -6.350  4.211   9.897   1.00 1.09 ? 9  THR A CG2  1 
ATOM 154 H H    . THR A 1 9  ? -5.502  3.656   7.224   1.00 0.91 ? 9  THR A H    1 
ATOM 155 H HA   . THR A 1 9  ? -3.739  4.855   9.285   1.00 0.95 ? 9  THR A HA   1 
ATOM 156 H HB   . THR A 1 9  ? -4.712  3.097   10.711  1.00 0.99 ? 9  THR A HB   1 
ATOM 157 H HG1  . THR A 1 9  ? -5.327  1.347   9.783   1.00 1.07 ? 9  THR A HG1  1 
ATOM 158 H HG21 . THR A 1 9  ? -6.074  5.218   9.621   1.00 1.63 ? 9  THR A HG21 1 
ATOM 159 H HG22 . THR A 1 9  ? -7.153  3.869   9.260   1.00 1.59 ? 9  THR A HG22 1 
ATOM 160 H HG23 . THR A 1 9  ? -6.680  4.199   10.927  1.00 1.35 ? 9  THR A HG23 1 
ATOM 161 N N    . PHE A 1 10 ? -1.868  3.117   9.440   1.00 0.72 ? 10 PHE A N    1 
ATOM 162 C CA   . PHE A 1 10 ? -0.657  2.232   9.319   1.00 0.65 ? 10 PHE A CA   1 
ATOM 163 C C    . PHE A 1 10 ? -1.038  0.740   9.384   1.00 0.63 ? 10 PHE A C    1 
ATOM 164 O O    . PHE A 1 10 ? -0.431  -0.083  8.726   1.00 0.61 ? 10 PHE A O    1 
ATOM 165 C CB   . PHE A 1 10 ? 0.224   2.623   10.517  1.00 0.71 ? 10 PHE A CB   1 
ATOM 166 C CG   . PHE A 1 10 ? 1.331   1.609   10.726  1.00 0.75 ? 10 PHE A CG   1 
ATOM 167 C CD1  . PHE A 1 10 ? 2.531   1.719   10.012  1.00 0.86 ? 10 PHE A CD1  1 
ATOM 168 C CD2  . PHE A 1 10 ? 1.160   0.568   11.646  1.00 0.81 ? 10 PHE A CD2  1 
ATOM 169 C CE1  . PHE A 1 10 ? 3.557   0.787   10.219  1.00 0.99 ? 10 PHE A CE1  1 
ATOM 170 C CE2  . PHE A 1 10 ? 2.185   -0.361  11.854  1.00 0.95 ? 10 PHE A CE2  1 
ATOM 171 C CZ   . PHE A 1 10 ? 3.384   -0.253  11.139  1.00 1.03 ? 10 PHE A CZ   1 
ATOM 172 H H    . PHE A 1 10 ? -1.890  3.813   10.131  1.00 0.84 ? 10 PHE A H    1 
ATOM 173 H HA   . PHE A 1 10 ? -0.134  2.443   8.400   1.00 0.65 ? 10 PHE A HA   1 
ATOM 174 H HB2  . PHE A 1 10 ? 0.661   3.594   10.334  1.00 0.76 ? 10 PHE A HB2  1 
ATOM 175 H HB3  . PHE A 1 10 ? -0.387  2.671   11.407  1.00 0.74 ? 10 PHE A HB3  1 
ATOM 176 H HD1  . PHE A 1 10 ? 2.666   2.521   9.300   1.00 0.89 ? 10 PHE A HD1  1 
ATOM 177 H HD2  . PHE A 1 10 ? 0.234   0.482   12.197  1.00 0.82 ? 10 PHE A HD2  1 
ATOM 178 H HE1  . PHE A 1 10 ? 4.481   0.870   9.668   1.00 1.12 ? 10 PHE A HE1  1 
ATOM 179 H HE2  . PHE A 1 10 ? 2.051   -1.164  12.565  1.00 1.05 ? 10 PHE A HE2  1 
ATOM 180 H HZ   . PHE A 1 10 ? 4.176   -0.969  11.300  1.00 1.18 ? 10 PHE A HZ   1 
ATOM 181 N N    . ARG A 1 11 ? -2.024  0.387   10.176  1.00 0.66 ? 11 ARG A N    1 
ATOM 182 C CA   . ARG A 1 11 ? -2.427  -1.054  10.289  1.00 0.69 ? 11 ARG A CA   1 
ATOM 183 C C    . ARG A 1 11 ? -2.892  -1.608  8.934   1.00 0.64 ? 11 ARG A C    1 
ATOM 184 O O    . ARG A 1 11 ? -2.357  -2.588  8.450   1.00 0.63 ? 11 ARG A O    1 
ATOM 185 C CB   . ARG A 1 11 ? -3.572  -1.080  11.307  1.00 0.78 ? 11 ARG A CB   1 
ATOM 186 C CG   . ARG A 1 11 ? -3.173  -1.956  12.500  1.00 1.27 ? 11 ARG A CG   1 
ATOM 187 C CD   . ARG A 1 11 ? -3.912  -1.483  13.758  1.00 1.79 ? 11 ARG A CD   1 
ATOM 188 N NE   . ARG A 1 11 ? -5.346  -1.834  13.531  1.00 2.36 ? 11 ARG A NE   1 
ATOM 189 C CZ   . ARG A 1 11 ? -6.208  -1.781  14.521  1.00 3.04 ? 11 ARG A CZ   1 
ATOM 190 N NH1  . ARG A 1 11 ? -6.040  -0.927  15.500  1.00 3.67 ? 11 ARG A NH1  1 
ATOM 191 N NH2  . ARG A 1 11 ? -7.243  -2.580  14.523  1.00 3.54 ? 11 ARG A NH2  1 
ATOM 192 H H    . ARG A 1 11 ? -2.493  1.068   10.704  1.00 0.70 ? 11 ARG A H    1 
ATOM 193 H HA   . ARG A 1 11 ? -1.599  -1.638  10.661  1.00 0.71 ? 11 ARG A HA   1 
ATOM 194 H HB2  . ARG A 1 11 ? -3.775  -0.076  11.649  1.00 0.93 ? 11 ARG A HB2  1 
ATOM 195 H HB3  . ARG A 1 11 ? -4.457  -1.489  10.845  1.00 0.94 ? 11 ARG A HB3  1 
ATOM 196 H HG2  . ARG A 1 11 ? -3.433  -2.984  12.294  1.00 1.62 ? 11 ARG A HG2  1 
ATOM 197 H HG3  . ARG A 1 11 ? -2.108  -1.880  12.662  1.00 1.71 ? 11 ARG A HG3  1 
ATOM 198 H HD2  . ARG A 1 11 ? -3.529  -1.997  14.629  1.00 2.25 ? 11 ARG A HD2  1 
ATOM 199 H HD3  . ARG A 1 11 ? -3.807  -0.416  13.875  1.00 2.18 ? 11 ARG A HD3  1 
ATOM 200 H HE   . ARG A 1 11 ? -5.647  -2.111  12.639  1.00 2.66 ? 11 ARG A HE   1 
ATOM 201 H HH11 . ARG A 1 11 ? -5.254  -0.309  15.501  1.00 3.74 ? 11 ARG A HH11 1 
ATOM 202 H HH12 . ARG A 1 11 ? -6.702  -0.893  16.251  1.00 4.33 ? 11 ARG A HH12 1 
ATOM 203 H HH21 . ARG A 1 11 ? -7.377  -3.228  13.772  1.00 3.59 ? 11 ARG A HH21 1 
ATOM 204 H HH22 . ARG A 1 11 ? -7.901  -2.543  15.274  1.00 4.15 ? 11 ARG A HH22 1 
ATOM 205 N N    . GLU A 1 12 ? -3.872  -0.993  8.315   1.00 0.64 ? 12 GLU A N    1 
ATOM 206 C CA   . GLU A 1 12 ? -4.350  -1.500  6.988   1.00 0.62 ? 12 GLU A CA   1 
ATOM 207 C C    . GLU A 1 12 ? -3.294  -1.232  5.900   1.00 0.55 ? 12 GLU A C    1 
ATOM 208 O O    . GLU A 1 12 ? -3.275  -1.888  4.876   1.00 0.56 ? 12 GLU A O    1 
ATOM 209 C CB   . GLU A 1 12 ? -5.660  -0.749  6.701   1.00 0.68 ? 12 GLU A CB   1 
ATOM 210 C CG   . GLU A 1 12 ? -5.367  0.684   6.253   1.00 0.74 ? 12 GLU A CG   1 
ATOM 211 C CD   . GLU A 1 12 ? -6.676  1.388   5.890   1.00 1.07 ? 12 GLU A CD   1 
ATOM 212 O OE1  . GLU A 1 12 ? -7.095  1.266   4.749   1.00 1.81 ? 12 GLU A OE1  1 
ATOM 213 O OE2  . GLU A 1 12 ? -7.235  2.041   6.756   1.00 1.07 ? 12 GLU A OE2  1 
ATOM 214 H H    . GLU A 1 12 ? -4.288  -0.202  8.718   1.00 0.67 ? 12 GLU A H    1 
ATOM 215 H HA   . GLU A 1 12 ? -4.547  -2.560  7.052   1.00 0.65 ? 12 GLU A HA   1 
ATOM 216 H HB2  . GLU A 1 12 ? -6.202  -1.265  5.921   1.00 0.78 ? 12 GLU A HB2  1 
ATOM 217 H HB3  . GLU A 1 12 ? -6.262  -0.727  7.598   1.00 0.82 ? 12 GLU A HB3  1 
ATOM 218 H HG2  . GLU A 1 12 ? -4.879  1.218   7.054   1.00 0.90 ? 12 GLU A HG2  1 
ATOM 219 H HG3  . GLU A 1 12 ? -4.721  0.665   5.388   1.00 0.98 ? 12 GLU A HG3  1 
ATOM 220 N N    . LYS A 1 13 ? -2.405  -0.285  6.124   1.00 0.51 ? 13 LYS A N    1 
ATOM 221 C CA   . LYS A 1 13 ? -1.340  0.006   5.113   1.00 0.50 ? 13 LYS A CA   1 
ATOM 222 C C    . LYS A 1 13 ? -0.411  -1.206  4.975   1.00 0.45 ? 13 LYS A C    1 
ATOM 223 O O    . LYS A 1 13 ? 0.065   -1.512  3.898   1.00 0.45 ? 13 LYS A O    1 
ATOM 224 C CB   . LYS A 1 13 ? -0.569  1.213   5.658   1.00 0.58 ? 13 LYS A CB   1 
ATOM 225 C CG   . LYS A 1 13 ? -0.098  2.085   4.491   1.00 0.60 ? 13 LYS A CG   1 
ATOM 226 C CD   . LYS A 1 13 ? 1.063   2.971   4.947   1.00 1.49 ? 13 LYS A CD   1 
ATOM 227 C CE   . LYS A 1 13 ? 0.621   4.440   4.944   1.00 1.90 ? 13 LYS A CE   1 
ATOM 228 N NZ   . LYS A 1 13 ? 1.336   5.068   6.092   1.00 3.05 ? 13 LYS A NZ   1 
ATOM 229 H H    . LYS A 1 13 ? -2.430  0.222   6.962   1.00 0.54 ? 13 LYS A H    1 
ATOM 230 H HA   . LYS A 1 13 ? -1.784  0.250   4.159   1.00 0.53 ? 13 LYS A HA   1 
ATOM 231 H HB2  . LYS A 1 13 ? -1.214  1.791   6.303   1.00 0.68 ? 13 LYS A HB2  1 
ATOM 232 H HB3  . LYS A 1 13 ? 0.288   0.871   6.218   1.00 0.61 ? 13 LYS A HB3  1 
ATOM 233 H HG2  . LYS A 1 13 ? 0.232   1.451   3.679   1.00 1.04 ? 13 LYS A HG2  1 
ATOM 234 H HG3  . LYS A 1 13 ? -0.913  2.708   4.153   1.00 0.90 ? 13 LYS A HG3  1 
ATOM 235 H HD2  . LYS A 1 13 ? 1.366   2.684   5.943   1.00 1.90 ? 13 LYS A HD2  1 
ATOM 236 H HD3  . LYS A 1 13 ? 1.893   2.847   4.269   1.00 1.91 ? 13 LYS A HD3  1 
ATOM 237 H HE2  . LYS A 1 13 ? 0.908   4.914   4.017   1.00 1.97 ? 13 LYS A HE2  1 
ATOM 238 H HE3  . LYS A 1 13 ? -0.446  4.513   5.090   1.00 1.80 ? 13 LYS A HE3  1 
ATOM 239 H HZ1  . LYS A 1 13 ? 2.361   4.935   5.979   1.00 3.41 ? 13 LYS A HZ1  1 
ATOM 240 H HZ2  . LYS A 1 13 ? 1.119   6.085   6.119   1.00 3.54 ? 13 LYS A HZ2  1 
ATOM 241 H HZ3  . LYS A 1 13 ? 1.028   4.624   6.980   1.00 3.48 ? 13 LYS A HZ3  1 
ATOM 242 N N    . SER A 1 14 ? -0.165  -1.905  6.062   1.00 0.46 ? 14 SER A N    1 
ATOM 243 C CA   . SER A 1 14 ? 0.717   -3.112  6.003   1.00 0.48 ? 14 SER A CA   1 
ATOM 244 C C    . SER A 1 14 ? 0.099   -4.153  5.061   1.00 0.44 ? 14 SER A C    1 
ATOM 245 O O    . SER A 1 14 ? 0.786   -4.765  4.266   1.00 0.44 ? 14 SER A O    1 
ATOM 246 C CB   . SER A 1 14 ? 0.769   -3.643  7.438   1.00 0.54 ? 14 SER A CB   1 
ATOM 247 O OG   . SER A 1 14 ? 1.750   -4.669  7.523   1.00 0.73 ? 14 SER A OG   1 
ATOM 248 H H    . SER A 1 14 ? -0.570  -1.640  6.913   1.00 0.49 ? 14 SER A H    1 
ATOM 249 H HA   . SER A 1 14 ? 1.707   -2.842  5.671   1.00 0.50 ? 14 SER A HA   1 
ATOM 250 H HB2  . SER A 1 14 ? 1.034   -2.843  8.110   1.00 0.62 ? 14 SER A HB2  1 
ATOM 251 H HB3  . SER A 1 14 ? -0.202  -4.034  7.712   1.00 0.71 ? 14 SER A HB3  1 
ATOM 252 H HG   . SER A 1 14 ? 1.351   -5.425  7.962   1.00 1.20 ? 14 SER A HG   1 
ATOM 253 N N    . ARG A 1 15 ? -1.201  -4.339  5.138   1.00 0.46 ? 15 ARG A N    1 
ATOM 254 C CA   . ARG A 1 15 ? -1.884  -5.320  4.237   1.00 0.46 ? 15 ARG A CA   1 
ATOM 255 C C    . ARG A 1 15 ? -1.703  -4.893  2.774   1.00 0.41 ? 15 ARG A C    1 
ATOM 256 O O    . ARG A 1 15 ? -1.528  -5.717  1.895   1.00 0.42 ? 15 ARG A O    1 
ATOM 257 C CB   . ARG A 1 15 ? -3.363  -5.261  4.628   1.00 0.50 ? 15 ARG A CB   1 
ATOM 258 C CG   . ARG A 1 15 ? -3.601  -6.121  5.875   1.00 1.13 ? 15 ARG A CG   1 
ATOM 259 C CD   . ARG A 1 15 ? -5.097  -6.145  6.207   1.00 1.64 ? 15 ARG A CD   1 
ATOM 260 N NE   . ARG A 1 15 ? -5.705  -7.029  5.171   1.00 2.30 ? 15 ARG A NE   1 
ATOM 261 C CZ   . ARG A 1 15 ? -6.211  -8.187  5.507   1.00 2.91 ? 15 ARG A CZ   1 
ATOM 262 N NH1  . ARG A 1 15 ? -5.416  -9.189  5.787   1.00 3.62 ? 15 ARG A NH1  1 
ATOM 263 N NH2  . ARG A 1 15 ? -7.509  -8.345  5.557   1.00 3.37 ? 15 ARG A NH2  1 
ATOM 264 H H    . ARG A 1 15 ? -1.728  -3.818  5.780   1.00 0.49 ? 15 ARG A H    1 
ATOM 265 H HA   . ARG A 1 15 ? -1.495  -6.314  4.394   1.00 0.50 ? 15 ARG A HA   1 
ATOM 266 H HB2  . ARG A 1 15 ? -3.640  -4.239  4.837   1.00 0.75 ? 15 ARG A HB2  1 
ATOM 267 H HB3  . ARG A 1 15 ? -3.965  -5.638  3.814   1.00 0.79 ? 15 ARG A HB3  1 
ATOM 268 H HG2  . ARG A 1 15 ? -3.257  -7.127  5.688   1.00 1.64 ? 15 ARG A HG2  1 
ATOM 269 H HG3  . ARG A 1 15 ? -3.056  -5.703  6.708   1.00 1.72 ? 15 ARG A HG3  1 
ATOM 270 H HD2  . ARG A 1 15 ? -5.254  -6.555  7.195   1.00 2.12 ? 15 ARG A HD2  1 
ATOM 271 H HD3  . ARG A 1 15 ? -5.514  -5.152  6.137   1.00 2.09 ? 15 ARG A HD3  1 
ATOM 272 H HE   . ARG A 1 15 ? -5.725  -6.742  4.234   1.00 2.74 ? 15 ARG A HE   1 
ATOM 273 H HH11 . ARG A 1 15 ? -4.424  -9.068  5.745   1.00 3.77 ? 15 ARG A HH11 1 
ATOM 274 H HH12 . ARG A 1 15 ? -5.800  -10.078 6.039   1.00 4.26 ? 15 ARG A HH12 1 
ATOM 275 H HH21 . ARG A 1 15 ? -8.114  -7.580  5.337   1.00 3.37 ? 15 ARG A HH21 1 
ATOM 276 H HH22 . ARG A 1 15 ? -7.897  -9.229  5.817   1.00 4.02 ? 15 ARG A HH22 1 
ATOM 277 N N    . ILE A 1 16 ? -1.729  -3.605  2.518   1.00 0.39 ? 16 ILE A N    1 
ATOM 278 C CA   . ILE A 1 16 ? -1.541  -3.098  1.123   1.00 0.37 ? 16 ILE A CA   1 
ATOM 279 C C    . ILE A 1 16 ? -0.150  -3.508  0.618   1.00 0.34 ? 16 ILE A C    1 
ATOM 280 O O    . ILE A 1 16 ? 0.003   -3.966  -0.498  1.00 0.37 ? 16 ILE A O    1 
ATOM 281 C CB   . ILE A 1 16 ? -1.670  -1.564  1.242   1.00 0.40 ? 16 ILE A CB   1 
ATOM 282 C CG1  . ILE A 1 16 ? -3.089  -1.123  0.853   1.00 0.51 ? 16 ILE A CG1  1 
ATOM 283 C CG2  . ILE A 1 16 ? -0.662  -0.869  0.320   1.00 0.33 ? 16 ILE A CG2  1 
ATOM 284 C CD1  . ILE A 1 16 ? -4.127  -1.937  1.633   1.00 0.48 ? 16 ILE A CD1  1 
ATOM 285 H H    . ILE A 1 16 ? -1.862  -2.968  3.252   1.00 0.43 ? 16 ILE A H    1 
ATOM 286 H HA   . ILE A 1 16 ? -2.310  -3.486  0.473   1.00 0.39 ? 16 ILE A HA   1 
ATOM 287 H HB   . ILE A 1 16 ? -1.474  -1.270  2.264   1.00 0.49 ? 16 ILE A HB   1 
ATOM 288 H HG12 . ILE A 1 16 ? -3.212  -0.075  1.083   1.00 0.65 ? 16 ILE A HG12 1 
ATOM 289 H HG13 . ILE A 1 16 ? -3.235  -1.278  -0.203  1.00 0.69 ? 16 ILE A HG13 1 
ATOM 290 H HG21 . ILE A 1 16 ? -0.773  -1.248  -0.686  1.00 0.98 ? 16 ILE A HG21 1 
ATOM 291 H HG22 . ILE A 1 16 ? -0.844  0.195   0.327   1.00 0.98 ? 16 ILE A HG22 1 
ATOM 292 H HG23 . ILE A 1 16 ? 0.341   -1.065  0.670   1.00 1.05 ? 16 ILE A HG23 1 
ATOM 293 H HD11 . ILE A 1 16 ? -3.815  -2.027  2.663   1.00 1.14 ? 16 ILE A HD11 1 
ATOM 294 H HD12 . ILE A 1 16 ? -5.084  -1.436  1.590   1.00 1.00 ? 16 ILE A HD12 1 
ATOM 295 H HD13 . ILE A 1 16 ? -4.216  -2.920  1.196   1.00 1.20 ? 16 ILE A HD13 1 
ATOM 296 N N    . ILE A 1 17 ? 0.860   -3.351  1.445   1.00 0.37 ? 17 ILE A N    1 
ATOM 297 C CA   . ILE A 1 17 ? 2.251   -3.732  1.041   1.00 0.39 ? 17 ILE A CA   1 
ATOM 298 C C    . ILE A 1 17 ? 2.329   -5.238  0.735   1.00 0.38 ? 17 ILE A C    1 
ATOM 299 O O    . ILE A 1 17 ? 3.074   -5.662  -0.128  1.00 0.41 ? 17 ILE A O    1 
ATOM 300 C CB   . ILE A 1 17 ? 3.123   -3.371  2.255   1.00 0.45 ? 17 ILE A CB   1 
ATOM 301 C CG1  . ILE A 1 17 ? 3.380   -1.861  2.262   1.00 0.53 ? 17 ILE A CG1  1 
ATOM 302 C CG2  . ILE A 1 17 ? 4.463   -4.111  2.183   1.00 0.55 ? 17 ILE A CG2  1 
ATOM 303 C CD1  . ILE A 1 17 ? 3.195   -1.309  3.679   1.00 0.70 ? 17 ILE A CD1  1 
ATOM 304 H H    . ILE A 1 17 ? 0.698   -2.984  2.340   1.00 0.44 ? 17 ILE A H    1 
ATOM 305 H HA   . ILE A 1 17 ? 2.562   -3.159  0.183   1.00 0.40 ? 17 ILE A HA   1 
ATOM 306 H HB   . ILE A 1 17 ? 2.608   -3.653  3.163   1.00 0.44 ? 17 ILE A HB   1 
ATOM 307 H HG12 . ILE A 1 17 ? 4.390   -1.666  1.930   1.00 0.68 ? 17 ILE A HG12 1 
ATOM 308 H HG13 . ILE A 1 17 ? 2.684   -1.375  1.596   1.00 0.72 ? 17 ILE A HG13 1 
ATOM 309 H HG21 . ILE A 1 17 ? 4.958   -3.869  1.255   1.00 1.14 ? 17 ILE A HG21 1 
ATOM 310 H HG22 . ILE A 1 17 ? 5.085   -3.809  3.012   1.00 1.17 ? 17 ILE A HG22 1 
ATOM 311 H HG23 . ILE A 1 17 ? 4.291   -5.175  2.232   1.00 1.16 ? 17 ILE A HG23 1 
ATOM 312 H HD11 . ILE A 1 17 ? 2.413   -1.859  4.181   1.00 1.32 ? 17 ILE A HD11 1 
ATOM 313 H HD12 . ILE A 1 17 ? 4.118   -1.412  4.229   1.00 1.22 ? 17 ILE A HD12 1 
ATOM 314 H HD13 . ILE A 1 17 ? 2.922   -0.265  3.625   1.00 1.29 ? 17 ILE A HD13 1 
ATOM 315 N N    . GLN A 1 18 ? 1.569   -6.044  1.438   1.00 0.38 ? 18 GLN A N    1 
ATOM 316 C CA   . GLN A 1 18 ? 1.600   -7.521  1.192   1.00 0.42 ? 18 GLN A CA   1 
ATOM 317 C C    . GLN A 1 18 ? 0.917   -7.870  -0.137  1.00 0.42 ? 18 GLN A C    1 
ATOM 318 O O    . GLN A 1 18 ? 1.337   -8.770  -0.835  1.00 0.46 ? 18 GLN A O    1 
ATOM 319 C CB   . GLN A 1 18 ? 0.824   -8.144  2.356   1.00 0.47 ? 18 GLN A CB   1 
ATOM 320 C CG   . GLN A 1 18 ? 1.542   -7.854  3.677   1.00 0.51 ? 18 GLN A CG   1 
ATOM 321 C CD   . GLN A 1 18 ? 1.429   -9.071  4.599   1.00 0.73 ? 18 GLN A CD   1 
ATOM 322 O OE1  . GLN A 1 18 ? 0.365   -9.365  5.108   1.00 1.38 ? 18 GLN A OE1  1 
ATOM 323 N NE2  . GLN A 1 18 ? 2.488   -9.795  4.838   1.00 1.42 ? 18 GLN A NE2  1 
ATOM 324 H H    . GLN A 1 18 ? 0.978   -5.678  2.128   1.00 0.39 ? 18 GLN A H    1 
ATOM 325 H HA   . GLN A 1 18 ? 2.618   -7.881  1.197   1.00 0.46 ? 18 GLN A HA   1 
ATOM 326 H HB2  . GLN A 1 18 ? -0.171  -7.726  2.388   1.00 0.56 ? 18 GLN A HB2  1 
ATOM 327 H HB3  . GLN A 1 18 ? 0.758   -9.212  2.212   1.00 0.52 ? 18 GLN A HB3  1 
ATOM 328 H HG2  . GLN A 1 18 ? 2.584   -7.644  3.482   1.00 0.63 ? 18 GLN A HG2  1 
ATOM 329 H HG3  . GLN A 1 18 ? 1.086   -7.000  4.155   1.00 0.67 ? 18 GLN A HG3  1 
ATOM 330 H HE21 . GLN A 1 18 ? 3.348   -9.560  4.428   1.00 2.07 ? 18 GLN A HE21 1 
ATOM 331 H HE22 . GLN A 1 18 ? 2.425   -10.574 5.428   1.00 1.62 ? 18 GLN A HE22 1 
ATOM 332 N N    . GLU A 1 19 ? -0.140  -7.177  -0.483  1.00 0.41 ? 19 GLU A N    1 
ATOM 333 C CA   . GLU A 1 19 ? -0.857  -7.484  -1.760  1.00 0.46 ? 19 GLU A CA   1 
ATOM 334 C C    . GLU A 1 19 ? -0.274  -6.689  -2.944  1.00 0.45 ? 19 GLU A C    1 
ATOM 335 O O    . GLU A 1 19 ? -0.587  -6.966  -4.087  1.00 0.63 ? 19 GLU A O    1 
ATOM 336 C CB   . GLU A 1 19 ? -2.311  -7.080  -1.499  1.00 0.50 ? 19 GLU A CB   1 
ATOM 337 C CG   . GLU A 1 19 ? -3.223  -7.682  -2.576  1.00 0.64 ? 19 GLU A CG   1 
ATOM 338 C CD   . GLU A 1 19 ? -3.110  -9.210  -2.561  1.00 0.85 ? 19 GLU A CD   1 
ATOM 339 O OE1  . GLU A 1 19 ? -3.719  -9.822  -1.698  1.00 1.36 ? 19 GLU A OE1  1 
ATOM 340 O OE2  . GLU A 1 19 ? -2.415  -9.741  -3.414  1.00 1.51 ? 19 GLU A OE2  1 
ATOM 341 H H    . GLU A 1 19 ? -0.469  -6.461  0.101   1.00 0.42 ? 19 GLU A H    1 
ATOM 342 H HA   . GLU A 1 19 ? -0.807  -8.541  -1.965  1.00 0.50 ? 19 GLU A HA   1 
ATOM 343 H HB2  . GLU A 1 19 ? -2.615  -7.445  -0.528  1.00 0.60 ? 19 GLU A HB2  1 
ATOM 344 H HB3  . GLU A 1 19 ? -2.396  -6.004  -1.520  1.00 0.49 ? 19 GLU A HB3  1 
ATOM 345 H HG2  . GLU A 1 19 ? -4.245  -7.395  -2.382  1.00 0.67 ? 19 GLU A HG2  1 
ATOM 346 H HG3  . GLU A 1 19 ? -2.926  -7.311  -3.545  1.00 0.67 ? 19 GLU A HG3  1 
ATOM 347 N N    . VAL A 1 20 ? 0.565   -5.710  -2.692  1.00 0.36 ? 20 VAL A N    1 
ATOM 348 C CA   . VAL A 1 20 ? 1.152   -4.917  -3.819  1.00 0.37 ? 20 VAL A CA   1 
ATOM 349 C C    . VAL A 1 20 ? 2.557   -5.430  -4.178  1.00 0.38 ? 20 VAL A C    1 
ATOM 350 O O    . VAL A 1 20 ? 2.990   -5.311  -5.309  1.00 0.40 ? 20 VAL A O    1 
ATOM 351 C CB   . VAL A 1 20 ? 1.198   -3.464  -3.317  1.00 0.36 ? 20 VAL A CB   1 
ATOM 352 C CG1  . VAL A 1 20 ? 2.354   -3.278  -2.331  1.00 0.39 ? 20 VAL A CG1  1 
ATOM 353 C CG2  . VAL A 1 20 ? 1.392   -2.518  -4.506  1.00 0.38 ? 20 VAL A CG2  1 
ATOM 354 H H    . VAL A 1 20 ? 0.808   -5.498  -1.766  1.00 0.43 ? 20 VAL A H    1 
ATOM 355 H HA   . VAL A 1 20 ? 0.510   -4.979  -4.682  1.00 0.39 ? 20 VAL A HA   1 
ATOM 356 H HB   . VAL A 1 20 ? 0.267   -3.229  -2.822  1.00 0.37 ? 20 VAL A HB   1 
ATOM 357 H HG11 . VAL A 1 20 ? 2.291   -4.027  -1.557  1.00 1.02 ? 20 VAL A HG11 1 
ATOM 358 H HG12 . VAL A 1 20 ? 3.293   -3.379  -2.852  1.00 1.04 ? 20 VAL A HG12 1 
ATOM 359 H HG13 . VAL A 1 20 ? 2.294   -2.295  -1.885  1.00 1.06 ? 20 VAL A HG13 1 
ATOM 360 H HG21 . VAL A 1 20 ? 2.113   -2.942  -5.190  1.00 1.08 ? 20 VAL A HG21 1 
ATOM 361 H HG22 . VAL A 1 20 ? 0.449   -2.383  -5.016  1.00 1.14 ? 20 VAL A HG22 1 
ATOM 362 H HG23 . VAL A 1 20 ? 1.749   -1.563  -4.153  1.00 1.00 ? 20 VAL A HG23 1 
ATOM 363 N N    . GLU A 1 21 ? 3.270   -5.997  -3.233  1.00 0.40 ? 21 GLU A N    1 
ATOM 364 C CA   . GLU A 1 21 ? 4.642   -6.514  -3.535  1.00 0.45 ? 21 GLU A CA   1 
ATOM 365 C C    . GLU A 1 21 ? 4.602   -8.021  -3.849  1.00 0.49 ? 21 GLU A C    1 
ATOM 366 O O    . GLU A 1 21 ? 5.497   -8.546  -4.484  1.00 0.57 ? 21 GLU A O    1 
ATOM 367 C CB   . GLU A 1 21 ? 5.475   -6.214  -2.275  1.00 0.50 ? 21 GLU A CB   1 
ATOM 368 C CG   . GLU A 1 21 ? 5.349   -7.350  -1.248  1.00 1.52 ? 21 GLU A CG   1 
ATOM 369 C CD   . GLU A 1 21 ? 6.592   -8.245  -1.314  1.00 1.94 ? 21 GLU A CD   1 
ATOM 370 O OE1  . GLU A 1 21 ? 7.641   -7.802  -0.876  1.00 2.34 ? 21 GLU A OE1  1 
ATOM 371 O OE2  . GLU A 1 21 ? 6.473   -9.357  -1.801  1.00 2.59 ? 21 GLU A OE2  1 
ATOM 372 H H    . GLU A 1 21 ? 2.904   -6.086  -2.328  1.00 0.40 ? 21 GLU A H    1 
ATOM 373 H HA   . GLU A 1 21 ? 5.057   -5.978  -4.375  1.00 0.46 ? 21 GLU A HA   1 
ATOM 374 H HB2  . GLU A 1 21 ? 6.512   -6.100  -2.554  1.00 1.04 ? 21 GLU A HB2  1 
ATOM 375 H HB3  . GLU A 1 21 ? 5.126   -5.295  -1.829  1.00 1.12 ? 21 GLU A HB3  1 
ATOM 376 H HG2  . GLU A 1 21 ? 5.264   -6.928  -0.258  1.00 2.21 ? 21 GLU A HG2  1 
ATOM 377 H HG3  . GLU A 1 21 ? 4.471   -7.937  -1.464  1.00 2.14 ? 21 GLU A HG3  1 
ATOM 378 N N    . GLU A 1 22 ? 3.574   -8.717  -3.413  1.00 0.50 ? 22 GLU A N    1 
ATOM 379 C CA   . GLU A 1 22 ? 3.479   -10.186 -3.693  1.00 0.58 ? 22 GLU A CA   1 
ATOM 380 C C    . GLU A 1 22 ? 3.388   -10.441 -5.203  1.00 0.58 ? 22 GLU A C    1 
ATOM 381 O O    . GLU A 1 22 ? 3.986   -11.364 -5.719  1.00 0.64 ? 22 GLU A O    1 
ATOM 382 C CB   . GLU A 1 22 ? 2.191   -10.649 -3.006  1.00 0.63 ? 22 GLU A CB   1 
ATOM 383 C CG   . GLU A 1 22 ? 2.529   -11.380 -1.704  1.00 0.95 ? 22 GLU A CG   1 
ATOM 384 C CD   . GLU A 1 22 ? 1.387   -12.334 -1.344  1.00 1.50 ? 22 GLU A CD   1 
ATOM 385 O OE1  . GLU A 1 22 ? 0.423   -11.876 -0.752  1.00 2.14 ? 22 GLU A OE1  1 
ATOM 386 O OE2  . GLU A 1 22 ? 1.496   -13.505 -1.668  1.00 2.07 ? 22 GLU A OE2  1 
ATOM 387 H H    . GLU A 1 22 ? 2.864   -8.272  -2.905  1.00 0.48 ? 22 GLU A H    1 
ATOM 388 H HA   . GLU A 1 22 ? 4.327   -10.705 -3.273  1.00 0.63 ? 22 GLU A HA   1 
ATOM 389 H HB2  . GLU A 1 22 ? 1.572   -9.792  -2.789  1.00 0.60 ? 22 GLU A HB2  1 
ATOM 390 H HB3  . GLU A 1 22 ? 1.657   -11.319 -3.662  1.00 0.81 ? 22 GLU A HB3  1 
ATOM 391 H HG2  . GLU A 1 22 ? 3.443   -11.941 -1.833  1.00 1.35 ? 22 GLU A HG2  1 
ATOM 392 H HG3  . GLU A 1 22 ? 2.659   -10.660 -0.910  1.00 1.31 ? 22 GLU A HG3  1 
ATOM 393 N N    . ASN A 1 23 ? 2.637   -9.628  -5.909  1.00 0.55 ? 23 ASN A N    1 
ATOM 394 C CA   . ASN A 1 23 ? 2.492   -9.816  -7.386  1.00 0.60 ? 23 ASN A CA   1 
ATOM 395 C C    . ASN A 1 23 ? 3.689   -9.194  -8.123  1.00 0.79 ? 23 ASN A C    1 
ATOM 396 O O    . ASN A 1 23 ? 3.875   -7.992  -8.087  1.00 1.09 ? 23 ASN A O    1 
ATOM 397 C CB   . ASN A 1 23 ? 1.198   -9.088  -7.756  1.00 0.79 ? 23 ASN A CB   1 
ATOM 398 C CG   . ASN A 1 23 ? 0.014   -9.739  -7.034  1.00 1.05 ? 23 ASN A CG   1 
ATOM 399 O OD1  . ASN A 1 23 ? -0.366  -10.850 -7.346  1.00 1.83 ? 23 ASN A OD1  1 
ATOM 400 N ND2  . ASN A 1 23 ? -0.589  -9.089  -6.075  1.00 0.62 ? 23 ASN A ND2  1 
ATOM 401 H H    . ASN A 1 23 ? 2.164   -8.894  -5.463  1.00 0.53 ? 23 ASN A H    1 
ATOM 402 H HA   . ASN A 1 23 ? 2.405   -10.864 -7.624  1.00 0.88 ? 23 ASN A HA   1 
ATOM 403 H HB2  . ASN A 1 23 ? 1.274   -8.051  -7.463  1.00 0.93 ? 23 ASN A HB2  1 
ATOM 404 H HB3  . ASN A 1 23 ? 1.043   -9.149  -8.823  1.00 0.94 ? 23 ASN A HB3  1 
ATOM 405 H HD21 . ASN A 1 23 ? -0.284  -8.192  -5.821  1.00 0.63 ? 23 ASN A HD21 1 
ATOM 406 H HD22 . ASN A 1 23 ? -1.345  -9.499  -5.606  1.00 0.82 ? 23 ASN A HD22 1 
ATOM 407 N N    . PRO A 1 24 ? 4.471   -10.039 -8.754  1.00 1.12 ? 24 PRO A N    1 
ATOM 408 C CA   . PRO A 1 24 ? 5.670   -9.567  -9.490  1.00 1.57 ? 24 PRO A CA   1 
ATOM 409 C C    . PRO A 1 24 ? 5.323   -9.054  -10.902 1.00 1.31 ? 24 PRO A C    1 
ATOM 410 O O    . PRO A 1 24 ? 6.151   -8.448  -11.557 1.00 1.54 ? 24 PRO A O    1 
ATOM 411 C CB   . PRO A 1 24 ? 6.539   -10.818 -9.579  1.00 2.10 ? 24 PRO A CB   1 
ATOM 412 C CG   . PRO A 1 24 ? 5.585   -11.974 -9.513  1.00 2.02 ? 24 PRO A CG   1 
ATOM 413 C CD   . PRO A 1 24 ? 4.328   -11.500 -8.824  1.00 1.45 ? 24 PRO A CD   1 
ATOM 414 H HA   . PRO A 1 24 ? 6.186   -8.806  -8.927  1.00 1.91 ? 24 PRO A HA   1 
ATOM 415 H HB2  . PRO A 1 24 ? 7.083   -10.830 -10.513 1.00 2.30 ? 24 PRO A HB2  1 
ATOM 416 H HB3  . PRO A 1 24 ? 7.222   -10.859 -8.745  1.00 2.46 ? 24 PRO A HB3  1 
ATOM 417 H HG2  . PRO A 1 24 ? 5.351   -12.312 -10.513 1.00 2.13 ? 24 PRO A HG2  1 
ATOM 418 H HG3  . PRO A 1 24 ? 6.025   -12.780 -8.947  1.00 2.42 ? 24 PRO A HG3  1 
ATOM 419 H HD2  . PRO A 1 24 ? 3.456   -11.770 -9.405  1.00 1.41 ? 24 PRO A HD2  1 
ATOM 420 H HD3  . PRO A 1 24 ? 4.264   -11.915 -7.831  1.00 1.54 ? 24 PRO A HD3  1 
ATOM 421 N N    . ASP A 1 25 ? 4.125   -9.298  -11.388 1.00 0.92 ? 25 ASP A N    1 
ATOM 422 C CA   . ASP A 1 25 ? 3.774   -8.827  -12.767 1.00 0.90 ? 25 ASP A CA   1 
ATOM 423 C C    . ASP A 1 25 ? 2.514   -7.939  -12.778 1.00 0.84 ? 25 ASP A C    1 
ATOM 424 O O    . ASP A 1 25 ? 1.959   -7.674  -13.830 1.00 0.95 ? 25 ASP A O    1 
ATOM 425 C CB   . ASP A 1 25 ? 3.529   -10.110 -13.569 1.00 0.95 ? 25 ASP A CB   1 
ATOM 426 C CG   . ASP A 1 25 ? 4.710   -10.357 -14.512 1.00 1.70 ? 25 ASP A CG   1 
ATOM 427 O OD1  . ASP A 1 25 ? 5.700   -10.909 -14.058 1.00 2.35 ? 25 ASP A OD1  1 
ATOM 428 O OD2  . ASP A 1 25 ? 4.605   -9.990  -15.670 1.00 2.35 ? 25 ASP A OD2  1 
ATOM 429 H H    . ASP A 1 25 ? 3.469   -9.798  -10.860 1.00 0.78 ? 25 ASP A H    1 
ATOM 430 H HA   . ASP A 1 25 ? 4.603   -8.289  -13.197 1.00 1.08 ? 25 ASP A HA   1 
ATOM 431 H HB2  . ASP A 1 25 ? 3.429   -10.945 -12.890 1.00 1.18 ? 25 ASP A HB2  1 
ATOM 432 H HB3  . ASP A 1 25 ? 2.625   -10.007 -14.149 1.00 1.24 ? 25 ASP A HB3  1 
ATOM 433 N N    . LEU A 1 26 ? 2.060   -7.465  -11.639 1.00 0.73 ? 26 LEU A N    1 
ATOM 434 C CA   . LEU A 1 26 ? 0.843   -6.589  -11.630 1.00 0.72 ? 26 LEU A CA   1 
ATOM 435 C C    . LEU A 1 26 ? 1.249   -5.116  -11.479 1.00 0.73 ? 26 LEU A C    1 
ATOM 436 O O    . LEU A 1 26 ? 2.379   -4.804  -11.152 1.00 0.89 ? 26 LEU A O    1 
ATOM 437 C CB   . LEU A 1 26 ? 0.008   -7.044  -10.429 1.00 0.68 ? 26 LEU A CB   1 
ATOM 438 C CG   . LEU A 1 26 ? -0.904  -8.208  -10.838 1.00 0.89 ? 26 LEU A CG   1 
ATOM 439 C CD1  . LEU A 1 26 ? -1.675  -8.711  -9.615  1.00 1.09 ? 26 LEU A CD1  1 
ATOM 440 C CD2  . LEU A 1 26 ? -1.903  -7.735  -11.900 1.00 1.66 ? 26 LEU A CD2  1 
ATOM 441 H H    . LEU A 1 26 ? 2.521   -7.674  -10.800 1.00 0.72 ? 26 LEU A H    1 
ATOM 442 H HA   . LEU A 1 26 ? 0.280   -6.726  -12.540 1.00 0.78 ? 26 LEU A HA   1 
ATOM 443 H HB2  . LEU A 1 26 ? 0.666   -7.362  -9.634  1.00 0.60 ? 26 LEU A HB2  1 
ATOM 444 H HB3  . LEU A 1 26 ? -0.600  -6.221  -10.084 1.00 0.85 ? 26 LEU A HB3  1 
ATOM 445 H HG   . LEU A 1 26 ? -0.302  -9.012  -11.238 1.00 1.65 ? 26 LEU A HG   1 
ATOM 446 H HD11 . LEU A 1 26 ? -1.392  -8.136  -8.746  1.00 1.55 ? 26 LEU A HD11 1 
ATOM 447 H HD12 . LEU A 1 26 ? -2.737  -8.604  -9.787  1.00 1.68 ? 26 LEU A HD12 1 
ATOM 448 H HD13 . LEU A 1 26 ? -1.442  -9.753  -9.447  1.00 1.64 ? 26 LEU A HD13 1 
ATOM 449 H HD21 . LEU A 1 26 ? -2.417  -6.855  -11.543 1.00 2.09 ? 26 LEU A HD21 1 
ATOM 450 H HD22 . LEU A 1 26 ? -1.375  -7.499  -12.813 1.00 2.27 ? 26 LEU A HD22 1 
ATOM 451 H HD23 . LEU A 1 26 ? -2.620  -8.519  -12.093 1.00 2.18 ? 26 LEU A HD23 1 
ATOM 452 N N    . ARG A 1 27 ? 0.333   -4.209  -11.719 1.00 0.70 ? 27 ARG A N    1 
ATOM 453 C CA   . ARG A 1 27 ? 0.660   -2.752  -11.596 1.00 0.73 ? 27 ARG A CA   1 
ATOM 454 C C    . ARG A 1 27 ? 0.639   -2.313  -10.131 1.00 0.66 ? 27 ARG A C    1 
ATOM 455 O O    . ARG A 1 27 ? -0.119  -2.826  -9.331  1.00 0.64 ? 27 ARG A O    1 
ATOM 456 C CB   . ARG A 1 27 ? -0.441  -2.025  -12.368 1.00 0.79 ? 27 ARG A CB   1 
ATOM 457 C CG   . ARG A 1 27 ? 0.014   -1.769  -13.804 1.00 0.99 ? 27 ARG A CG   1 
ATOM 458 C CD   . ARG A 1 27 ? -1.189  -1.906  -14.738 1.00 1.47 ? 27 ARG A CD   1 
ATOM 459 N NE   . ARG A 1 27 ? -0.897  -1.005  -15.887 1.00 1.77 ? 27 ARG A NE   1 
ATOM 460 C CZ   . ARG A 1 27 ? -1.075  -1.432  -17.107 1.00 2.44 ? 27 ARG A CZ   1 
ATOM 461 N NH1  . ARG A 1 27 ? -2.281  -1.727  -17.524 1.00 2.90 ? 27 ARG A NH1  1 
ATOM 462 N NH2  . ARG A 1 27 ? -0.045  -1.570  -17.905 1.00 3.23 ? 27 ARG A NH2  1 
ATOM 463 H H    . ARG A 1 27 ? -0.569  -4.487  -11.984 1.00 0.76 ? 27 ARG A H    1 
ATOM 464 H HA   . ARG A 1 27 ? 1.621   -2.541  -12.040 1.00 0.80 ? 27 ARG A HA   1 
ATOM 465 H HB2  . ARG A 1 27 ? -1.333  -2.633  -12.377 1.00 0.80 ? 27 ARG A HB2  1 
ATOM 466 H HB3  . ARG A 1 27 ? -0.653  -1.082  -11.888 1.00 0.79 ? 27 ARG A HB3  1 
ATOM 467 H HG2  . ARG A 1 27 ? 0.423   -0.772  -13.880 1.00 1.33 ? 27 ARG A HG2  1 
ATOM 468 H HG3  . ARG A 1 27 ? 0.766   -2.491  -14.081 1.00 1.38 ? 27 ARG A HG3  1 
ATOM 469 H HD2  . ARG A 1 27 ? -1.288  -2.928  -15.073 1.00 2.01 ? 27 ARG A HD2  1 
ATOM 470 H HD3  . ARG A 1 27 ? -2.091  -1.585  -14.238 1.00 1.87 ? 27 ARG A HD3  1 
ATOM 471 H HE   . ARG A 1 27 ? -0.576  -0.094  -15.727 1.00 1.93 ? 27 ARG A HE   1 
ATOM 472 H HH11 . ARG A 1 27 ? -3.062  -1.626  -16.907 1.00 2.90 ? 27 ARG A HH11 1 
ATOM 473 H HH12 . ARG A 1 27 ? -2.424  -2.055  -18.459 1.00 3.60 ? 27 ARG A HH12 1 
ATOM 474 H HH21 . ARG A 1 27 ? 0.874   -1.349  -17.576 1.00 3.42 ? 27 ARG A HH21 1 
ATOM 475 H HH22 . ARG A 1 27 ? -0.176  -1.893  -18.842 1.00 3.91 ? 27 ARG A HH22 1 
ATOM 476 N N    . LYS A 1 28 ? 1.454   -1.351  -9.785  1.00 0.65 ? 28 LYS A N    1 
ATOM 477 C CA   . LYS A 1 28 ? 1.478   -0.850  -8.377  1.00 0.63 ? 28 LYS A CA   1 
ATOM 478 C C    . LYS A 1 28 ? 0.262   0.052   -8.132  1.00 0.58 ? 28 LYS A C    1 
ATOM 479 O O    . LYS A 1 28 ? -0.453  -0.107  -7.162  1.00 0.54 ? 28 LYS A O    1 
ATOM 480 C CB   . LYS A 1 28 ? 2.778   -0.049  -8.267  1.00 0.73 ? 28 LYS A CB   1 
ATOM 481 C CG   . LYS A 1 28 ? 2.976   0.436   -6.827  1.00 0.85 ? 28 LYS A CG   1 
ATOM 482 C CD   . LYS A 1 28 ? 3.783   1.738   -6.837  1.00 1.56 ? 28 LYS A CD   1 
ATOM 483 C CE   . LYS A 1 28 ? 5.209   1.450   -7.320  1.00 1.89 ? 28 LYS A CE   1 
ATOM 484 N NZ   . LYS A 1 28 ? 5.811   2.786   -7.601  1.00 2.49 ? 28 LYS A NZ   1 
ATOM 485 H H    . LYS A 1 28 ? 2.043   -0.946  -10.456 1.00 0.70 ? 28 LYS A H    1 
ATOM 486 H HA   . LYS A 1 28 ? 1.488   -1.675  -7.680  1.00 0.61 ? 28 LYS A HA   1 
ATOM 487 H HB2  . LYS A 1 28 ? 3.610   -0.676  -8.551  1.00 0.90 ? 28 LYS A HB2  1 
ATOM 488 H HB3  . LYS A 1 28 ? 2.729   0.804   -8.927  1.00 0.84 ? 28 LYS A HB3  1 
ATOM 489 H HG2  . LYS A 1 28 ? 2.014   0.610   -6.367  1.00 0.98 ? 28 LYS A HG2  1 
ATOM 490 H HG3  . LYS A 1 28 ? 3.513   -0.313  -6.267  1.00 1.01 ? 28 LYS A HG3  1 
ATOM 491 H HD2  . LYS A 1 28 ? 3.311   2.448   -7.500  1.00 1.85 ? 28 LYS A HD2  1 
ATOM 492 H HD3  . LYS A 1 28 ? 3.819   2.147   -5.839  1.00 1.97 ? 28 LYS A HD3  1 
ATOM 493 H HE2  . LYS A 1 28 ? 5.769   0.940   -6.549  1.00 2.18 ? 28 LYS A HE2  1 
ATOM 494 H HE3  . LYS A 1 28 ? 5.188   0.859   -8.223  1.00 2.12 ? 28 LYS A HE3  1 
ATOM 495 H HZ1  . LYS A 1 28 ? 5.094   3.409   -8.027  1.00 3.00 ? 28 LYS A HZ1  1 
ATOM 496 H HZ2  . LYS A 1 28 ? 6.155   3.204   -6.714  1.00 2.89 ? 28 LYS A HZ2  1 
ATOM 497 H HZ3  . LYS A 1 28 ? 6.607   2.674   -8.259  1.00 2.67 ? 28 LYS A HZ3  1 
ATOM 498 N N    . GLY A 1 29 ? 0.023   0.991   -9.020  1.00 0.66 ? 29 GLY A N    1 
ATOM 499 C CA   . GLY A 1 29 ? -1.146  1.908   -8.865  1.00 0.68 ? 29 GLY A CA   1 
ATOM 500 C C    . GLY A 1 29 ? -2.445  1.120   -9.058  1.00 0.65 ? 29 GLY A C    1 
ATOM 501 O O    . GLY A 1 29 ? -3.382  1.268   -8.299  1.00 0.66 ? 29 GLY A O    1 
ATOM 502 H H    . GLY A 1 29 ? 0.614   1.089   -9.796  1.00 0.73 ? 29 GLY A H    1 
ATOM 503 H HA2  . GLY A 1 29 ? -1.133  2.344   -7.877  1.00 0.66 ? 29 GLY A HA2  1 
ATOM 504 H HA3  . GLY A 1 29 ? -1.091  2.689   -9.606  1.00 0.77 ? 29 GLY A HA3  1 
ATOM 505 N N    . GLU A 1 30 ? -2.501  0.280   -10.067 1.00 0.68 ? 30 GLU A N    1 
ATOM 506 C CA   . GLU A 1 30 ? -3.738  -0.529  -10.309 1.00 0.69 ? 30 GLU A CA   1 
ATOM 507 C C    . GLU A 1 30 ? -4.057  -1.378  -9.075  1.00 0.58 ? 30 GLU A C    1 
ATOM 508 O O    . GLU A 1 30 ? -5.181  -1.416  -8.616  1.00 0.56 ? 30 GLU A O    1 
ATOM 509 C CB   . GLU A 1 30 ? -3.411  -1.419  -11.508 1.00 0.76 ? 30 GLU A CB   1 
ATOM 510 C CG   . GLU A 1 30 ? -4.704  -2.008  -12.074 1.00 0.91 ? 30 GLU A CG   1 
ATOM 511 C CD   . GLU A 1 30 ? -4.392  -2.807  -13.341 1.00 1.46 ? 30 GLU A CD   1 
ATOM 512 O OE1  . GLU A 1 30 ? -3.996  -3.954  -13.212 1.00 2.04 ? 30 GLU A OE1  1 
ATOM 513 O OE2  . GLU A 1 30 ? -4.550  -2.259  -14.419 1.00 2.16 ? 30 GLU A OE2  1 
ATOM 514 H H    . GLU A 1 30 ? -1.727  0.178   -10.661 1.00 0.74 ? 30 GLU A H    1 
ATOM 515 H HA   . GLU A 1 30 ? -4.568  0.118   -10.545 1.00 0.75 ? 30 GLU A HA   1 
ATOM 516 H HB2  . GLU A 1 30 ? -2.920  -0.830  -12.270 1.00 0.86 ? 30 GLU A HB2  1 
ATOM 517 H HB3  . GLU A 1 30 ? -2.759  -2.221  -11.196 1.00 0.73 ? 30 GLU A HB3  1 
ATOM 518 H HG2  . GLU A 1 30 ? -5.155  -2.659  -11.338 1.00 1.38 ? 30 GLU A HG2  1 
ATOM 519 H HG3  . GLU A 1 30 ? -5.389  -1.209  -12.314 1.00 1.21 ? 30 GLU A HG3  1 
ATOM 520 N N    . ILE A 1 31 ? -3.070  -2.044  -8.523  1.00 0.57 ? 31 ILE A N    1 
ATOM 521 C CA   . ILE A 1 31 ? -3.310  -2.874  -7.303  1.00 0.51 ? 31 ILE A CA   1 
ATOM 522 C C    . ILE A 1 31 ? -3.735  -1.962  -6.138  1.00 0.45 ? 31 ILE A C    1 
ATOM 523 O O    . ILE A 1 31 ? -4.578  -2.322  -5.340  1.00 0.43 ? 31 ILE A O    1 
ATOM 524 C CB   . ILE A 1 31 ? -1.964  -3.561  -7.013  1.00 0.58 ? 31 ILE A CB   1 
ATOM 525 C CG1  . ILE A 1 31 ? -1.897  -4.890  -7.775  1.00 0.74 ? 31 ILE A CG1  1 
ATOM 526 C CG2  . ILE A 1 31 ? -1.818  -3.833  -5.511  1.00 0.51 ? 31 ILE A CG2  1 
ATOM 527 C CD1  . ILE A 1 31 ? -0.537  -5.557  -7.545  1.00 1.03 ? 31 ILE A CD1  1 
ATOM 528 H H    . ILE A 1 31 ? -2.168  -1.986  -8.906  1.00 0.65 ? 31 ILE A H    1 
ATOM 529 H HA   . ILE A 1 31 ? -4.070  -3.615  -7.496  1.00 0.53 ? 31 ILE A HA   1 
ATOM 530 H HB   . ILE A 1 31 ? -1.157  -2.919  -7.337  1.00 0.73 ? 31 ILE A HB   1 
ATOM 531 H HG12 . ILE A 1 31 ? -2.683  -5.545  -7.425  1.00 0.89 ? 31 ILE A HG12 1 
ATOM 532 H HG13 . ILE A 1 31 ? -2.029  -4.706  -8.831  1.00 1.23 ? 31 ILE A HG13 1 
ATOM 533 H HG21 . ILE A 1 31 ? -2.628  -4.464  -5.180  1.00 1.16 ? 31 ILE A HG21 1 
ATOM 534 H HG22 . ILE A 1 31 ? -0.879  -4.329  -5.327  1.00 1.15 ? 31 ILE A HG22 1 
ATOM 535 H HG23 . ILE A 1 31 ? -1.843  -2.900  -4.970  1.00 1.09 ? 31 ILE A HG23 1 
ATOM 536 H HD11 . ILE A 1 31 ? -0.039  -5.083  -6.712  1.00 1.52 ? 31 ILE A HD11 1 
ATOM 537 H HD12 . ILE A 1 31 ? -0.683  -6.604  -7.327  1.00 1.50 ? 31 ILE A HD12 1 
ATOM 538 H HD13 . ILE A 1 31 ? 0.070   -5.454  -8.432  1.00 1.61 ? 31 ILE A HD13 1 
ATOM 539 N N    . ALA A 1 32 ? -3.158  -0.786  -6.045  1.00 0.46 ? 32 ALA A N    1 
ATOM 540 C CA   . ALA A 1 32 ? -3.525  0.153   -4.938  1.00 0.45 ? 32 ALA A CA   1 
ATOM 541 C C    . ALA A 1 32 ? -5.023  0.489   -4.992  1.00 0.47 ? 32 ALA A C    1 
ATOM 542 O O    . ALA A 1 32 ? -5.750  0.240   -4.050  1.00 0.48 ? 32 ALA A O    1 
ATOM 543 C CB   . ALA A 1 32 ? -2.671  1.405   -5.175  1.00 0.55 ? 32 ALA A CB   1 
ATOM 544 H H    . ALA A 1 32 ? -2.483  -0.520  -6.704  1.00 0.51 ? 32 ALA A H    1 
ATOM 545 H HA   . ALA A 1 32 ? -3.276  -0.283  -3.984  1.00 0.43 ? 32 ALA A HA   1 
ATOM 546 H HB1  . ALA A 1 32 ? -1.637  1.118   -5.300  1.00 1.03 ? 32 ALA A HB1  1 
ATOM 547 H HB2  . ALA A 1 32 ? -3.014  1.913   -6.064  1.00 1.25 ? 32 ALA A HB2  1 
ATOM 548 H HB3  . ALA A 1 32 ? -2.761  2.067   -4.325  1.00 1.21 ? 32 ALA A HB3  1 
ATOM 549 N N    . ARG A 1 33 ? -5.493  1.046   -6.087  1.00 0.50 ? 33 ARG A N    1 
ATOM 550 C CA   . ARG A 1 33 ? -6.953  1.390   -6.191  1.00 0.56 ? 33 ARG A CA   1 
ATOM 551 C C    . ARG A 1 33 ? -7.815  0.117   -6.269  1.00 0.56 ? 33 ARG A C    1 
ATOM 552 O O    . ARG A 1 33 ? -9.012  0.166   -6.059  1.00 0.64 ? 33 ARG A O    1 
ATOM 553 C CB   . ARG A 1 33 ? -7.120  2.242   -7.462  1.00 0.64 ? 33 ARG A CB   1 
ATOM 554 C CG   . ARG A 1 33 ? -6.421  1.589   -8.665  1.00 1.22 ? 33 ARG A CG   1 
ATOM 555 C CD   . ARG A 1 33 ? -7.449  1.196   -9.742  1.00 1.75 ? 33 ARG A CD   1 
ATOM 556 N NE   . ARG A 1 33 ? -8.384  2.354   -9.874  1.00 2.15 ? 33 ARG A NE   1 
ATOM 557 C CZ   . ARG A 1 33 ? -8.049  3.406   -10.578 1.00 2.72 ? 33 ARG A CZ   1 
ATOM 558 N NH1  . ARG A 1 33 ? -7.469  3.265   -11.746 1.00 3.33 ? 33 ARG A NH1  1 
ATOM 559 N NH2  . ARG A 1 33 ? -8.302  4.604   -10.117 1.00 3.22 ? 33 ARG A NH2  1 
ATOM 560 H H    . ARG A 1 33 ? -4.890  1.236   -6.834  1.00 0.52 ? 33 ARG A H    1 
ATOM 561 H HA   . ARG A 1 33 ? -7.249  1.970   -5.331  1.00 0.61 ? 33 ARG A HA   1 
ATOM 562 H HB2  . ARG A 1 33 ? -8.172  2.351   -7.678  1.00 1.24 ? 33 ARG A HB2  1 
ATOM 563 H HB3  . ARG A 1 33 ? -6.693  3.219   -7.291  1.00 1.00 ? 33 ARG A HB3  1 
ATOM 564 H HG2  . ARG A 1 33 ? -5.711  2.284   -9.085  1.00 1.64 ? 33 ARG A HG2  1 
ATOM 565 H HG3  . ARG A 1 33 ? -5.898  0.703   -8.338  1.00 1.84 ? 33 ARG A HG3  1 
ATOM 566 H HD2  . ARG A 1 33 ? -6.947  1.012   -10.681 1.00 2.39 ? 33 ARG A HD2  1 
ATOM 567 H HD3  . ARG A 1 33 ? -7.992  0.317   -9.434  1.00 2.02 ? 33 ARG A HD3  1 
ATOM 568 H HE   . ARG A 1 33 ? -9.260  2.323   -9.432  1.00 2.42 ? 33 ARG A HE   1 
ATOM 569 H HH11 . ARG A 1 33 ? -7.280  2.352   -12.104 1.00 3.49 ? 33 ARG A HH11 1 
ATOM 570 H HH12 . ARG A 1 33 ? -7.216  4.072   -12.280 1.00 3.91 ? 33 ARG A HH12 1 
ATOM 571 H HH21 . ARG A 1 33 ? -8.749  4.713   -9.229  1.00 3.33 ? 33 ARG A HH21 1 
ATOM 572 H HH22 . ARG A 1 33 ? -8.050  5.411   -10.652 1.00 3.80 ? 33 ARG A HH22 1 
ATOM 573 N N    . ARG A 1 34 ? -7.219  -1.020  -6.549  1.00 0.51 ? 34 ARG A N    1 
ATOM 574 C CA   . ARG A 1 34 ? -8.005  -2.292  -6.618  1.00 0.55 ? 34 ARG A CA   1 
ATOM 575 C C    . ARG A 1 34 ? -8.664  -2.577  -5.260  1.00 0.58 ? 34 ARG A C    1 
ATOM 576 O O    . ARG A 1 34 ? -9.783  -3.050  -5.194  1.00 0.66 ? 34 ARG A O    1 
ATOM 577 C CB   . ARG A 1 34 ? -6.979  -3.378  -6.955  1.00 0.54 ? 34 ARG A CB   1 
ATOM 578 C CG   . ARG A 1 34 ? -7.693  -4.708  -7.197  1.00 0.65 ? 34 ARG A CG   1 
ATOM 579 C CD   . ARG A 1 34 ? -6.690  -5.854  -7.048  1.00 1.36 ? 34 ARG A CD   1 
ATOM 580 N NE   . ARG A 1 34 ? -7.472  -7.089  -7.326  1.00 1.59 ? 34 ARG A NE   1 
ATOM 581 C CZ   . ARG A 1 34 ? -7.361  -7.687  -8.483  1.00 2.09 ? 34 ARG A CZ   1 
ATOM 582 N NH1  . ARG A 1 34 ? -8.090  -7.289  -9.495  1.00 2.83 ? 34 ARG A NH1  1 
ATOM 583 N NH2  . ARG A 1 34 ? -6.515  -8.675  -8.629  1.00 2.61 ? 34 ARG A NH2  1 
ATOM 584 H H    . ARG A 1 34 ? -6.251  -1.040  -6.703  1.00 0.48 ? 34 ARG A H    1 
ATOM 585 H HA   . ARG A 1 34 ? -8.751  -2.234  -7.395  1.00 0.60 ? 34 ARG A HA   1 
ATOM 586 H HB2  . ARG A 1 34 ? -6.436  -3.095  -7.844  1.00 0.54 ? 34 ARG A HB2  1 
ATOM 587 H HB3  . ARG A 1 34 ? -6.290  -3.488  -6.132  1.00 0.55 ? 34 ARG A HB3  1 
ATOM 588 H HG2  . ARG A 1 34 ? -8.489  -4.826  -6.476  1.00 1.06 ? 34 ARG A HG2  1 
ATOM 589 H HG3  . ARG A 1 34 ? -8.105  -4.718  -8.194  1.00 1.05 ? 34 ARG A HG3  1 
ATOM 590 H HD2  . ARG A 1 34 ? -5.888  -5.743  -7.765  1.00 1.89 ? 34 ARG A HD2  1 
ATOM 591 H HD3  . ARG A 1 34 ? -6.297  -5.882  -6.044  1.00 1.87 ? 34 ARG A HD3  1 
ATOM 592 H HE   . ARG A 1 34 ? -8.069  -7.456  -6.640  1.00 1.92 ? 34 ARG A HE   1 
ATOM 593 H HH11 . ARG A 1 34 ? -8.730  -6.530  -9.383  1.00 3.10 ? 34 ARG A HH11 1 
ATOM 594 H HH12 . ARG A 1 34 ? -8.008  -7.745  -10.382 1.00 3.46 ? 34 ARG A HH12 1 
ATOM 595 H HH21 . ARG A 1 34 ? -5.955  -8.973  -7.857  1.00 2.78 ? 34 ARG A HH21 1 
ATOM 596 H HH22 . ARG A 1 34 ? -6.427  -9.133  -9.515  1.00 3.24 ? 34 ARG A HH22 1 
ATOM 597 N N    . PHE A 1 35 ? -7.978  -2.288  -4.178  1.00 0.55 ? 35 PHE A N    1 
ATOM 598 C CA   . PHE A 1 35 ? -8.566  -2.537  -2.822  1.00 0.62 ? 35 PHE A CA   1 
ATOM 599 C C    . PHE A 1 35 ? -8.302  -1.358  -1.868  1.00 0.63 ? 35 PHE A C    1 
ATOM 600 O O    . PHE A 1 35 ? -8.421  -1.503  -0.665  1.00 0.71 ? 35 PHE A O    1 
ATOM 601 C CB   . PHE A 1 35 ? -7.887  -3.819  -2.301  1.00 0.60 ? 35 PHE A CB   1 
ATOM 602 C CG   . PHE A 1 35 ? -6.380  -3.757  -2.491  1.00 0.51 ? 35 PHE A CG   1 
ATOM 603 C CD1  . PHE A 1 35 ? -5.638  -2.697  -1.954  1.00 0.45 ? 35 PHE A CD1  1 
ATOM 604 C CD2  . PHE A 1 35 ? -5.726  -4.773  -3.203  1.00 0.52 ? 35 PHE A CD2  1 
ATOM 605 C CE1  . PHE A 1 35 ? -4.251  -2.650  -2.127  1.00 0.40 ? 35 PHE A CE1  1 
ATOM 606 C CE2  . PHE A 1 35 ? -4.337  -4.724  -3.376  1.00 0.49 ? 35 PHE A CE2  1 
ATOM 607 C CZ   . PHE A 1 35 ? -3.601  -3.662  -2.837  1.00 0.42 ? 35 PHE A CZ   1 
ATOM 608 H H    . PHE A 1 35 ? -7.079  -1.905  -4.256  1.00 0.50 ? 35 PHE A H    1 
ATOM 609 H HA   . PHE A 1 35 ? -9.628  -2.706  -2.909  1.00 0.69 ? 35 PHE A HA   1 
ATOM 610 H HB2  . PHE A 1 35 ? -8.105  -3.933  -1.249  1.00 0.64 ? 35 PHE A HB2  1 
ATOM 611 H HB3  . PHE A 1 35 ? -8.279  -4.671  -2.838  1.00 0.65 ? 35 PHE A HB3  1 
ATOM 612 H HD1  . PHE A 1 35 ? -6.137  -1.913  -1.403  1.00 0.49 ? 35 PHE A HD1  1 
ATOM 613 H HD2  . PHE A 1 35 ? -6.292  -5.592  -3.618  1.00 0.59 ? 35 PHE A HD2  1 
ATOM 614 H HE1  . PHE A 1 35 ? -3.684  -1.830  -1.716  1.00 0.39 ? 35 PHE A HE1  1 
ATOM 615 H HE2  . PHE A 1 35 ? -3.834  -5.505  -3.924  1.00 0.55 ? 35 PHE A HE2  1 
ATOM 616 H HZ   . PHE A 1 35 ? -2.530  -3.626  -2.971  1.00 0.43 ? 35 PHE A HZ   1 
ATOM 617 N N    . ASN A 1 36 ? -7.943  -0.196  -2.376  1.00 0.58 ? 36 ASN A N    1 
ATOM 618 C CA   . ASN A 1 36 ? -7.681  0.958   -1.459  1.00 0.63 ? 36 ASN A CA   1 
ATOM 619 C C    . ASN A 1 36 ? -7.686  2.304   -2.216  1.00 0.65 ? 36 ASN A C    1 
ATOM 620 O O    . ASN A 1 36 ? -8.739  2.856   -2.477  1.00 0.75 ? 36 ASN A O    1 
ATOM 621 C CB   . ASN A 1 36 ? -6.310  0.661   -0.836  1.00 0.56 ? 36 ASN A CB   1 
ATOM 622 C CG   . ASN A 1 36 ? -6.003  1.693   0.253   1.00 0.63 ? 36 ASN A CG   1 
ATOM 623 O OD1  . ASN A 1 36 ? -4.983  2.350   0.206   1.00 0.60 ? 36 ASN A OD1  1 
ATOM 624 N ND2  . ASN A 1 36 ? -6.843  1.862   1.239   1.00 0.82 ? 36 ASN A ND2  1 
ATOM 625 H H    . ASN A 1 36 ? -7.849  -0.086  -3.346  1.00 0.54 ? 36 ASN A H    1 
ATOM 626 H HA   . ASN A 1 36 ? -8.428  0.979   -0.681  1.00 0.73 ? 36 ASN A HA   1 
ATOM 627 H HB2  . ASN A 1 36 ? -6.322  -0.327  -0.400  1.00 0.57 ? 36 ASN A HB2  1 
ATOM 628 H HB3  . ASN A 1 36 ? -5.547  0.707   -1.599  1.00 0.48 ? 36 ASN A HB3  1 
ATOM 629 H HD21 . ASN A 1 36 ? -7.666  1.331   1.282   1.00 0.94 ? 36 ASN A HD21 1 
ATOM 630 H HD22 . ASN A 1 36 ? -6.651  2.521   1.940   1.00 0.88 ? 36 ASN A HD22 1 
ATOM 631 N N    . ILE A 1 37 ? -6.532  2.856   -2.545  1.00 0.57 ? 37 ILE A N    1 
ATOM 632 C CA   . ILE A 1 37 ? -6.504  4.184   -3.249  1.00 0.62 ? 37 ILE A CA   1 
ATOM 633 C C    . ILE A 1 37 ? -5.439  4.200   -4.364  1.00 0.58 ? 37 ILE A C    1 
ATOM 634 O O    . ILE A 1 37 ? -4.733  3.233   -4.554  1.00 0.49 ? 37 ILE A O    1 
ATOM 635 C CB   . ILE A 1 37 ? -6.156  5.210   -2.151  1.00 0.66 ? 37 ILE A CB   1 
ATOM 636 C CG1  . ILE A 1 37 ? -4.681  5.074   -1.757  1.00 0.72 ? 37 ILE A CG1  1 
ATOM 637 C CG2  . ILE A 1 37 ? -7.025  4.973   -0.914  1.00 0.86 ? 37 ILE A CG2  1 
ATOM 638 C CD1  . ILE A 1 37 ? -4.282  6.232   -0.838  1.00 0.92 ? 37 ILE A CD1  1 
ATOM 639 H H    . ILE A 1 37 ? -5.690  2.413   -2.313  1.00 0.51 ? 37 ILE A H    1 
ATOM 640 H HA   . ILE A 1 37 ? -7.476  4.407   -3.661  1.00 0.69 ? 37 ILE A HA   1 
ATOM 641 H HB   . ILE A 1 37 ? -6.337  6.205   -2.525  1.00 0.92 ? 37 ILE A HB   1 
ATOM 642 H HG12 . ILE A 1 37 ? -4.534  4.139   -1.240  1.00 1.05 ? 37 ILE A HG12 1 
ATOM 643 H HG13 . ILE A 1 37 ? -4.067  5.097   -2.643  1.00 1.13 ? 37 ILE A HG13 1 
ATOM 644 H HG21 . ILE A 1 37 ? -8.022  4.697   -1.221  1.00 1.38 ? 37 ILE A HG21 1 
ATOM 645 H HG22 . ILE A 1 37 ? -6.597  4.178   -0.321  1.00 1.47 ? 37 ILE A HG22 1 
ATOM 646 H HG23 . ILE A 1 37 ? -7.066  5.876   -0.325  1.00 1.29 ? 37 ILE A HG23 1 
ATOM 647 H HD11 . ILE A 1 37 ? -4.494  7.171   -1.327  1.00 1.46 ? 37 ILE A HD11 1 
ATOM 648 H HD12 . ILE A 1 37 ? -4.843  6.171   0.084   1.00 1.31 ? 37 ILE A HD12 1 
ATOM 649 H HD13 . ILE A 1 37 ? -3.227  6.170   -0.620  1.00 1.55 ? 37 ILE A HD13 1 
ATOM 650 N N    . PRO A 1 38 ? -5.358  5.314   -5.063  1.00 0.79 ? 38 PRO A N    1 
ATOM 651 C CA   . PRO A 1 38 ? -4.368  5.468   -6.174  1.00 0.81 ? 38 PRO A CA   1 
ATOM 652 C C    . PRO A 1 38 ? -2.923  5.297   -5.666  1.00 0.83 ? 38 PRO A C    1 
ATOM 653 O O    . PRO A 1 38 ? -2.696  5.169   -4.476  1.00 1.09 ? 38 PRO A O    1 
ATOM 654 C CB   . PRO A 1 38 ? -4.595  6.898   -6.676  1.00 1.18 ? 38 PRO A CB   1 
ATOM 655 C CG   . PRO A 1 38 ? -5.935  7.304   -6.151  1.00 1.32 ? 38 PRO A CG   1 
ATOM 656 C CD   . PRO A 1 38 ? -6.175  6.521   -4.892  1.00 1.08 ? 38 PRO A CD   1 
ATOM 657 H HA   . PRO A 1 38 ? -4.575  4.767   -6.964  1.00 0.72 ? 38 PRO A HA   1 
ATOM 658 H HB2  . PRO A 1 38 ? -3.826  7.555   -6.293  1.00 1.33 ? 38 PRO A HB2  1 
ATOM 659 H HB3  . PRO A 1 38 ? -4.602  6.919   -7.755  1.00 1.25 ? 38 PRO A HB3  1 
ATOM 660 H HG2  . PRO A 1 38 ? -5.940  8.364   -5.935  1.00 1.56 ? 38 PRO A HG2  1 
ATOM 661 H HG3  . PRO A 1 38 ? -6.701  7.071   -6.875  1.00 1.42 ? 38 PRO A HG3  1 
ATOM 662 H HD2  . PRO A 1 38 ? -5.845  7.085   -4.029  1.00 1.16 ? 38 PRO A HD2  1 
ATOM 663 H HD3  . PRO A 1 38 ? -7.217  6.257   -4.800  1.00 1.15 ? 38 PRO A HD3  1 
ATOM 664 N N    . PRO A 1 39 ? -1.989  5.297   -6.596  1.00 1.42 ? 39 PRO A N    1 
ATOM 665 C CA   . PRO A 1 39 ? -0.553  5.134   -6.244  1.00 1.68 ? 39 PRO A CA   1 
ATOM 666 C C    . PRO A 1 39 ? 0.038   6.435   -5.667  1.00 0.98 ? 39 PRO A C    1 
ATOM 667 O O    . PRO A 1 39 ? 1.085   6.890   -6.089  1.00 1.53 ? 39 PRO A O    1 
ATOM 668 C CB   . PRO A 1 39 ? 0.110   4.779   -7.575  1.00 2.70 ? 39 PRO A CB   1 
ATOM 669 C CG   . PRO A 1 39 ? -0.808  5.298   -8.639  1.00 3.12 ? 39 PRO A CG   1 
ATOM 670 C CD   . PRO A 1 39 ? -2.187  5.436   -8.044  1.00 2.30 ? 39 PRO A CD   1 
ATOM 671 H HA   . PRO A 1 39 ? -0.426  4.323   -5.547  1.00 2.17 ? 39 PRO A HA   1 
ATOM 672 H HB2  . PRO A 1 39 ? 1.077   5.258   -7.647  1.00 2.89 ? 39 PRO A HB2  1 
ATOM 673 H HB3  . PRO A 1 39 ? 0.216   3.711   -7.668  1.00 3.18 ? 39 PRO A HB3  1 
ATOM 674 H HG2  . PRO A 1 39 ? -0.458  6.261   -8.985  1.00 3.58 ? 39 PRO A HG2  1 
ATOM 675 H HG3  . PRO A 1 39 ? -0.837  4.604   -9.465  1.00 3.65 ? 39 PRO A HG3  1 
ATOM 676 H HD2  . PRO A 1 39 ? -2.602  6.409   -8.281  1.00 2.45 ? 39 PRO A HD2  1 
ATOM 677 H HD3  . PRO A 1 39 ? -2.835  4.652   -8.404  1.00 2.49 ? 39 PRO A HD3  1 
ATOM 678 N N    . SER A 1 40 ? -0.615  7.022   -4.695  1.00 0.58 ? 40 SER A N    1 
ATOM 679 C CA   . SER A 1 40 ? -0.086  8.273   -4.075  1.00 1.10 ? 40 SER A CA   1 
ATOM 680 C C    . SER A 1 40 ? 0.601   7.917   -2.754  1.00 1.06 ? 40 SER A C    1 
ATOM 681 O O    . SER A 1 40 ? 1.788   8.125   -2.585  1.00 1.16 ? 40 SER A O    1 
ATOM 682 C CB   . SER A 1 40 ? -1.313  9.156   -3.836  1.00 1.78 ? 40 SER A CB   1 
ATOM 683 O OG   . SER A 1 40 ? -1.589  9.909   -5.011  1.00 2.55 ? 40 SER A OG   1 
ATOM 684 H H    . SER A 1 40 ? -1.446  6.630   -4.359  1.00 0.98 ? 40 SER A H    1 
ATOM 685 H HA   . SER A 1 40 ? 0.604   8.765   -4.742  1.00 1.51 ? 40 SER A HA   1 
ATOM 686 H HB2  . SER A 1 40 ? -2.165  8.538   -3.606  1.00 1.82 ? 40 SER A HB2  1 
ATOM 687 H HB3  . SER A 1 40 ? -1.122  9.822   -3.005  1.00 2.26 ? 40 SER A HB3  1 
ATOM 688 H HG   . SER A 1 40 ? -0.990  10.660  -5.030  1.00 2.82 ? 40 SER A HG   1 
ATOM 689 N N    . THR A 1 41 ? -0.137  7.353   -1.831  1.00 0.97 ? 41 THR A N    1 
ATOM 690 C CA   . THR A 1 41 ? 0.463   6.946   -0.525  1.00 0.94 ? 41 THR A CA   1 
ATOM 691 C C    . THR A 1 41 ? 0.980   5.501   -0.627  1.00 0.72 ? 41 THR A C    1 
ATOM 692 O O    . THR A 1 41 ? 1.930   5.131   0.036   1.00 0.77 ? 41 THR A O    1 
ATOM 693 C CB   . THR A 1 41 ? -0.684  7.062   0.494   1.00 1.00 ? 41 THR A CB   1 
ATOM 694 O OG1  . THR A 1 41 ? -0.746  8.398   0.979   1.00 1.32 ? 41 THR A OG1  1 
ATOM 695 C CG2  . THR A 1 41 ? -0.456  6.107   1.671   1.00 0.90 ? 41 THR A CG2  1 
ATOM 696 H H    . THR A 1 41 ? -1.086  7.178   -2.005  1.00 0.99 ? 41 THR A H    1 
ATOM 697 H HA   . THR A 1 41 ? 1.265   7.615   -0.255  1.00 1.08 ? 41 THR A HA   1 
ATOM 698 H HB   . THR A 1 41 ? -1.617  6.814   0.013   1.00 0.97 ? 41 THR A HB   1 
ATOM 699 H HG1  . THR A 1 41 ? 0.064   8.579   1.465   1.00 1.49 ? 41 THR A HG1  1 
ATOM 700 H HG21 . THR A 1 41 ? 0.563   6.198   2.017   1.00 1.27 ? 41 THR A HG21 1 
ATOM 701 H HG22 . THR A 1 41 ? -1.131  6.358   2.476   1.00 1.49 ? 41 THR A HG22 1 
ATOM 702 H HG23 . THR A 1 41 ? -0.638  5.091   1.351   1.00 1.14 ? 41 THR A HG23 1 
ATOM 703 N N    . LEU A 1 42 ? 0.363   4.691   -1.461  1.00 0.56 ? 42 LEU A N    1 
ATOM 704 C CA   . LEU A 1 42 ? 0.816   3.271   -1.616  1.00 0.47 ? 42 LEU A CA   1 
ATOM 705 C C    . LEU A 1 42 ? 2.160   3.202   -2.358  1.00 0.62 ? 42 LEU A C    1 
ATOM 706 O O    . LEU A 1 42 ? 2.891   2.241   -2.227  1.00 0.69 ? 42 LEU A O    1 
ATOM 707 C CB   . LEU A 1 42 ? -0.284  2.580   -2.429  1.00 0.50 ? 42 LEU A CB   1 
ATOM 708 C CG   . LEU A 1 42 ? -1.356  2.042   -1.477  1.00 0.49 ? 42 LEU A CG   1 
ATOM 709 C CD1  . LEU A 1 42 ? -2.420  3.115   -1.240  1.00 0.54 ? 42 LEU A CD1  1 
ATOM 710 C CD2  . LEU A 1 42 ? -2.013  0.803   -2.092  1.00 0.70 ? 42 LEU A CD2  1 
ATOM 711 H H    . LEU A 1 42 ? -0.395  5.020   -1.986  1.00 0.58 ? 42 LEU A H    1 
ATOM 712 H HA   . LEU A 1 42 ? 0.900   2.802   -0.650  1.00 0.43 ? 42 LEU A HA   1 
ATOM 713 H HB2  . LEU A 1 42 ? -0.728  3.289   -3.113  1.00 0.51 ? 42 LEU A HB2  1 
ATOM 714 H HB3  . LEU A 1 42 ? 0.143   1.760   -2.986  1.00 0.64 ? 42 LEU A HB3  1 
ATOM 715 H HG   . LEU A 1 42 ? -0.899  1.778   -0.535  1.00 0.49 ? 42 LEU A HG   1 
ATOM 716 H HD11 . LEU A 1 42 ? -2.034  4.079   -1.538  1.00 1.12 ? 42 LEU A HD11 1 
ATOM 717 H HD12 . LEU A 1 42 ? -3.299  2.885   -1.823  1.00 1.29 ? 42 LEU A HD12 1 
ATOM 718 H HD13 . LEU A 1 42 ? -2.679  3.140   -0.193  1.00 1.07 ? 42 LEU A HD13 1 
ATOM 719 H HD21 . LEU A 1 42 ? -1.333  0.345   -2.795  1.00 1.34 ? 42 LEU A HD21 1 
ATOM 720 H HD22 . LEU A 1 42 ? -2.250  0.097   -1.310  1.00 1.26 ? 42 LEU A HD22 1 
ATOM 721 H HD23 . LEU A 1 42 ? -2.920  1.091   -2.602  1.00 1.21 ? 42 LEU A HD23 1 
ATOM 722 N N    . SER A 1 43 ? 2.491   4.211   -3.129  1.00 0.80 ? 43 SER A N    1 
ATOM 723 C CA   . SER A 1 43 ? 3.793   4.200   -3.869  1.00 0.99 ? 43 SER A CA   1 
ATOM 724 C C    . SER A 1 43 ? 4.953   4.466   -2.897  1.00 0.91 ? 43 SER A C    1 
ATOM 725 O O    . SER A 1 43 ? 5.985   3.823   -2.960  1.00 0.91 ? 43 SER A O    1 
ATOM 726 C CB   . SER A 1 43 ? 3.680   5.332   -4.893  1.00 1.26 ? 43 SER A CB   1 
ATOM 727 O OG   . SER A 1 43 ? 4.871   5.389   -5.667  1.00 1.61 ? 43 SER A OG   1 
ATOM 728 H H    . SER A 1 43 ? 1.889   4.979   -3.218  1.00 0.86 ? 43 SER A H    1 
ATOM 729 H HA   . SER A 1 43 ? 3.932   3.258   -4.373  1.00 1.06 ? 43 SER A HA   1 
ATOM 730 H HB2  . SER A 1 43 ? 2.844   5.148   -5.545  1.00 1.43 ? 43 SER A HB2  1 
ATOM 731 H HB3  . SER A 1 43 ? 3.529   6.270   -4.375  1.00 1.45 ? 43 SER A HB3  1 
ATOM 732 H HG   . SER A 1 43 ? 5.406   6.116   -5.337  1.00 1.75 ? 43 SER A HG   1 
ATOM 733 N N    . THR A 1 44 ? 4.783   5.407   -2.000  1.00 0.90 ? 44 THR A N    1 
ATOM 734 C CA   . THR A 1 44 ? 5.863   5.728   -1.014  1.00 0.90 ? 44 THR A CA   1 
ATOM 735 C C    . THR A 1 44 ? 6.017   4.587   0.003   1.00 0.77 ? 44 THR A C    1 
ATOM 736 O O    . THR A 1 44 ? 7.119   4.223   0.371   1.00 0.81 ? 44 THR A O    1 
ATOM 737 C CB   . THR A 1 44 ? 5.392   7.021   -0.326  1.00 0.99 ? 44 THR A CB   1 
ATOM 738 O OG1  . THR A 1 44 ? 5.840   8.138   -1.081  1.00 1.15 ? 44 THR A OG1  1 
ATOM 739 C CG2  . THR A 1 44 ? 5.957   7.110   1.097   1.00 0.96 ? 44 THR A CG2  1 
ATOM 740 H H    . THR A 1 44 ? 3.939   5.906   -1.974  1.00 0.95 ? 44 THR A H    1 
ATOM 741 H HA   . THR A 1 44 ? 6.797   5.903   -1.523  1.00 0.98 ? 44 THR A HA   1 
ATOM 742 H HB   . THR A 1 44 ? 4.314   7.029   -0.280  1.00 1.00 ? 44 THR A HB   1 
ATOM 743 H HG1  . THR A 1 44 ? 5.374   8.916   -0.764  1.00 1.62 ? 44 THR A HG1  1 
ATOM 744 H HG21 . THR A 1 44 ? 6.998   6.822   1.091   1.00 1.38 ? 44 THR A HG21 1 
ATOM 745 H HG22 . THR A 1 44 ? 5.867   8.124   1.457   1.00 1.29 ? 44 THR A HG22 1 
ATOM 746 H HG23 . THR A 1 44 ? 5.403   6.448   1.747   1.00 1.48 ? 44 THR A HG23 1 
ATOM 747 N N    . ILE A 1 45 ? 4.923   4.030   0.463   1.00 0.67 ? 45 ILE A N    1 
ATOM 748 C CA   . ILE A 1 45 ? 5.003   2.918   1.466   1.00 0.65 ? 45 ILE A CA   1 
ATOM 749 C C    . ILE A 1 45 ? 5.482   1.606   0.815   1.00 0.62 ? 45 ILE A C    1 
ATOM 750 O O    . ILE A 1 45 ? 5.831   0.666   1.505   1.00 0.67 ? 45 ILE A O    1 
ATOM 751 C CB   . ILE A 1 45 ? 3.583   2.766   2.035   1.00 0.68 ? 45 ILE A CB   1 
ATOM 752 C CG1  . ILE A 1 45 ? 2.597   2.411   0.916   1.00 0.93 ? 45 ILE A CG1  1 
ATOM 753 C CG2  . ILE A 1 45 ? 3.151   4.082   2.691   1.00 0.96 ? 45 ILE A CG2  1 
ATOM 754 C CD1  . ILE A 1 45 ? 2.261   0.921   0.976   1.00 0.55 ? 45 ILE A CD1  1 
ATOM 755 H H    . ILE A 1 45 ? 4.048   4.347   0.152   1.00 0.68 ? 45 ILE A H    1 
ATOM 756 H HA   . ILE A 1 45 ? 5.675   3.195   2.260   1.00 0.74 ? 45 ILE A HA   1 
ATOM 757 H HB   . ILE A 1 45 ? 3.581   1.983   2.780   1.00 0.79 ? 45 ILE A HB   1 
ATOM 758 H HG12 . ILE A 1 45 ? 1.692   2.987   1.040   1.00 1.60 ? 45 ILE A HG12 1 
ATOM 759 H HG13 . ILE A 1 45 ? 3.039   2.640   -0.040  1.00 1.53 ? 45 ILE A HG13 1 
ATOM 760 H HG21 . ILE A 1 45 ? 3.707   4.902   2.259   1.00 1.69 ? 45 ILE A HG21 1 
ATOM 761 H HG22 . ILE A 1 45 ? 2.095   4.238   2.526   1.00 1.36 ? 45 ILE A HG22 1 
ATOM 762 H HG23 . ILE A 1 45 ? 3.347   4.037   3.752   1.00 1.29 ? 45 ILE A HG23 1 
ATOM 763 H HD11 . ILE A 1 45 ? 3.156   0.361   1.205   1.00 1.06 ? 45 ILE A HD11 1 
ATOM 764 H HD12 . ILE A 1 45 ? 1.521   0.749   1.744   1.00 1.14 ? 45 ILE A HD12 1 
ATOM 765 H HD13 . ILE A 1 45 ? 1.871   0.601   0.021   1.00 1.19 ? 45 ILE A HD13 1 
ATOM 766 N N    . LEU A 1 46 ? 5.509   1.532   -0.498  1.00 0.65 ? 46 LEU A N    1 
ATOM 767 C CA   . LEU A 1 46 ? 5.978   0.279   -1.175  1.00 0.74 ? 46 LEU A CA   1 
ATOM 768 C C    . LEU A 1 46 ? 7.514   0.198   -1.160  1.00 0.79 ? 46 LEU A C    1 
ATOM 769 O O    . LEU A 1 46 ? 8.083   -0.877  -1.203  1.00 0.95 ? 46 LEU A O    1 
ATOM 770 C CB   . LEU A 1 46 ? 5.467   0.379   -2.620  1.00 0.93 ? 46 LEU A CB   1 
ATOM 771 C CG   . LEU A 1 46 ? 4.843   -0.954  -3.077  1.00 0.98 ? 46 LEU A CG   1 
ATOM 772 C CD1  . LEU A 1 46 ? 5.015   -1.098  -4.590  1.00 0.76 ? 46 LEU A CD1  1 
ATOM 773 C CD2  . LEU A 1 46 ? 5.528   -2.142  -2.387  1.00 1.52 ? 46 LEU A CD2  1 
ATOM 774 H H    . LEU A 1 46 ? 5.229   2.301   -1.037  1.00 0.67 ? 46 LEU A H    1 
ATOM 775 H HA   . LEU A 1 46 ? 5.552   -0.586  -0.693  1.00 0.78 ? 46 LEU A HA   1 
ATOM 776 H HB2  . LEU A 1 46 ? 4.723   1.159   -2.680  1.00 1.19 ? 46 LEU A HB2  1 
ATOM 777 H HB3  . LEU A 1 46 ? 6.292   0.627   -3.272  1.00 0.99 ? 46 LEU A HB3  1 
ATOM 778 H HG   . LEU A 1 46 ? 3.788   -0.954  -2.837  1.00 1.45 ? 46 LEU A HG   1 
ATOM 779 H HD11 . LEU A 1 46 ? 4.936   -0.128  -5.057  1.00 1.25 ? 46 LEU A HD11 1 
ATOM 780 H HD12 . LEU A 1 46 ? 5.985   -1.523  -4.804  1.00 1.20 ? 46 LEU A HD12 1 
ATOM 781 H HD13 . LEU A 1 46 ? 4.245   -1.748  -4.980  1.00 1.34 ? 46 LEU A HD13 1 
ATOM 782 H HD21 . LEU A 1 46 ? 6.596   -1.993  -2.389  1.00 1.94 ? 46 LEU A HD21 1 
ATOM 783 H HD22 . LEU A 1 46 ? 5.175   -2.221  -1.369  1.00 2.09 ? 46 LEU A HD22 1 
ATOM 784 H HD23 . LEU A 1 46 ? 5.292   -3.051  -2.920  1.00 1.89 ? 46 LEU A HD23 1 
ATOM 785 N N    . LYS A 1 47 ? 8.188   1.322   -1.102  1.00 0.79 ? 47 LYS A N    1 
ATOM 786 C CA   . LYS A 1 47 ? 9.683   1.304   -1.087  1.00 0.91 ? 47 LYS A CA   1 
ATOM 787 C C    . LYS A 1 47 ? 10.200  1.160   0.347   1.00 0.78 ? 47 LYS A C    1 
ATOM 788 O O    . LYS A 1 47 ? 11.070  0.355   0.620   1.00 0.84 ? 47 LYS A O    1 
ATOM 789 C CB   . LYS A 1 47 ? 10.104  2.646   -1.685  1.00 1.08 ? 47 LYS A CB   1 
ATOM 790 C CG   . LYS A 1 47 ? 10.238  2.495   -3.199  1.00 1.65 ? 47 LYS A CG   1 
ATOM 791 C CD   . LYS A 1 47 ? 10.434  3.869   -3.839  1.00 1.95 ? 47 LYS A CD   1 
ATOM 792 C CE   . LYS A 1 47 ? 9.916   3.835   -5.279  1.00 2.20 ? 47 LYS A CE   1 
ATOM 793 N NZ   . LYS A 1 47 ? 10.990  4.468   -6.094  1.00 2.80 ? 47 LYS A NZ   1 
ATOM 794 H H    . LYS A 1 47 ? 7.711   2.177   -1.071  1.00 0.79 ? 47 LYS A H    1 
ATOM 795 H HA   . LYS A 1 47 ? 10.054  0.497   -1.700  1.00 1.05 ? 47 LYS A HA   1 
ATOM 796 H HB2  . LYS A 1 47 ? 9.356   3.394   -1.458  1.00 1.26 ? 47 LYS A HB2  1 
ATOM 797 H HB3  . LYS A 1 47 ? 11.054  2.947   -1.269  1.00 1.51 ? 47 LYS A HB3  1 
ATOM 798 H HG2  . LYS A 1 47 ? 11.088  1.868   -3.424  1.00 2.33 ? 47 LYS A HG2  1 
ATOM 799 H HG3  . LYS A 1 47 ? 9.341   2.041   -3.595  1.00 2.06 ? 47 LYS A HG3  1 
ATOM 800 H HD2  . LYS A 1 47 ? 9.887   4.612   -3.275  1.00 2.45 ? 47 LYS A HD2  1 
ATOM 801 H HD3  . LYS A 1 47 ? 11.485  4.119   -3.841  1.00 2.33 ? 47 LYS A HD3  1 
ATOM 802 H HE2  . LYS A 1 47 ? 9.755   2.813   -5.594  1.00 2.45 ? 47 LYS A HE2  1 
ATOM 803 H HE3  . LYS A 1 47 ? 9.003   4.404   -5.363  1.00 2.46 ? 47 LYS A HE3  1 
ATOM 804 H HZ1  . LYS A 1 47 ? 11.898  3.998   -5.899  1.00 2.95 ? 47 LYS A HZ1  1 
ATOM 805 H HZ2  . LYS A 1 47 ? 10.761  4.375   -7.102  1.00 3.07 ? 47 LYS A HZ2  1 
ATOM 806 H HZ3  . LYS A 1 47 ? 11.062  5.477   -5.851  1.00 3.36 ? 47 LYS A HZ3  1 
ATOM 807 N N    . ASN A 1 48 ? 9.665   1.926   1.266   1.00 0.69 ? 48 ASN A N    1 
ATOM 808 C CA   . ASN A 1 48 ? 10.119  1.822   2.688   1.00 0.62 ? 48 ASN A CA   1 
ATOM 809 C C    . ASN A 1 48 ? 9.192   0.881   3.479   1.00 0.57 ? 48 ASN A C    1 
ATOM 810 O O    . ASN A 1 48 ? 9.063   1.002   4.681   1.00 0.56 ? 48 ASN A O    1 
ATOM 811 C CB   . ASN A 1 48 ? 10.052  3.258   3.236   1.00 0.69 ? 48 ASN A CB   1 
ATOM 812 C CG   . ASN A 1 48 ? 8.605   3.629   3.592   1.00 0.72 ? 48 ASN A CG   1 
ATOM 813 O OD1  . ASN A 1 48 ? 7.686   3.298   2.873   1.00 0.78 ? 48 ASN A OD1  1 
ATOM 814 N ND2  . ASN A 1 48 ? 8.364   4.306   4.683   1.00 0.79 ? 48 ASN A ND2  1 
ATOM 815 H H    . ASN A 1 48 ? 8.958   2.562   1.024   1.00 0.75 ? 48 ASN A H    1 
ATOM 816 H HA   . ASN A 1 48 ? 11.135  1.464   2.729   1.00 0.66 ? 48 ASN A HA   1 
ATOM 817 H HB2  . ASN A 1 48 ? 10.667  3.330   4.123   1.00 0.68 ? 48 ASN A HB2  1 
ATOM 818 H HB3  . ASN A 1 48 ? 10.421  3.944   2.489   1.00 0.79 ? 48 ASN A HB3  1 
ATOM 819 H HD21 . ASN A 1 48 ? 9.102   4.575   5.267   1.00 0.84 ? 48 ASN A HD21 1 
ATOM 820 H HD22 . ASN A 1 48 ? 7.442   4.546   4.916   1.00 0.85 ? 48 ASN A HD22 1 
ATOM 821 N N    . LYS A 1 49 ? 8.542   -0.051  2.811   1.00 0.62 ? 49 LYS A N    1 
ATOM 822 C CA   . LYS A 1 49 ? 7.614   -0.999  3.521   1.00 0.67 ? 49 LYS A CA   1 
ATOM 823 C C    . LYS A 1 49 ? 8.309   -1.664  4.719   1.00 0.63 ? 49 LYS A C    1 
ATOM 824 O O    . LYS A 1 49 ? 7.713   -1.835  5.765   1.00 0.66 ? 49 LYS A O    1 
ATOM 825 C CB   . LYS A 1 49 ? 7.191   -2.056  2.481   1.00 0.82 ? 49 LYS A CB   1 
ATOM 826 C CG   . LYS A 1 49 ? 8.381   -2.478  1.608   1.00 1.26 ? 49 LYS A CG   1 
ATOM 827 C CD   . LYS A 1 49 ? 8.272   -3.965  1.266   1.00 1.51 ? 49 LYS A CD   1 
ATOM 828 C CE   . LYS A 1 49 ? 9.236   -4.300  0.121   1.00 1.53 ? 49 LYS A CE   1 
ATOM 829 N NZ   . LYS A 1 49 ? 9.688   -5.698  0.383   1.00 1.96 ? 49 LYS A NZ   1 
ATOM 830 H H    . LYS A 1 49 ? 8.660   -0.123  1.841   1.00 0.66 ? 49 LYS A H    1 
ATOM 831 H HA   . LYS A 1 49 ? 6.742   -0.462  3.860   1.00 0.74 ? 49 LYS A HA   1 
ATOM 832 H HB2  . LYS A 1 49 ? 6.804   -2.924  2.995   1.00 0.98 ? 49 LYS A HB2  1 
ATOM 833 H HB3  . LYS A 1 49 ? 6.417   -1.644  1.851   1.00 1.00 ? 49 LYS A HB3  1 
ATOM 834 H HG2  . LYS A 1 49 ? 8.378   -1.900  0.696   1.00 1.83 ? 49 LYS A HG2  1 
ATOM 835 H HG3  . LYS A 1 49 ? 9.302   -2.302  2.139   1.00 1.69 ? 49 LYS A HG3  1 
ATOM 836 H HD2  . LYS A 1 49 ? 8.525   -4.553  2.137   1.00 1.87 ? 49 LYS A HD2  1 
ATOM 837 H HD3  . LYS A 1 49 ? 7.261   -4.191  0.960   1.00 2.14 ? 49 LYS A HD3  1 
ATOM 838 H HE2  . LYS A 1 49 ? 8.723   -4.242  -0.828  1.00 2.14 ? 49 LYS A HE2  1 
ATOM 839 H HE3  . LYS A 1 49 ? 10.082  -3.630  0.135   1.00 1.55 ? 49 LYS A HE3  1 
ATOM 840 H HZ1  . LYS A 1 49 ? 8.898   -6.257  0.762   1.00 2.41 ? 49 LYS A HZ1  1 
ATOM 841 H HZ2  . LYS A 1 49 ? 10.017  -6.125  -0.506  1.00 2.28 ? 49 LYS A HZ2  1 
ATOM 842 H HZ3  . LYS A 1 49 ? 10.469  -5.685  1.071   1.00 2.34 ? 49 LYS A HZ3  1 
ATOM 843 N N    . ARG A 1 50 ? 9.565   -2.026  4.584   1.00 0.65 ? 50 ARG A N    1 
ATOM 844 C CA   . ARG A 1 50 ? 10.289  -2.665  5.727   1.00 0.68 ? 50 ARG A CA   1 
ATOM 845 C C    . ARG A 1 50 ? 10.600  -1.618  6.805   1.00 0.62 ? 50 ARG A C    1 
ATOM 846 O O    . ARG A 1 50 ? 10.672  -1.933  7.978   1.00 0.68 ? 50 ARG A O    1 
ATOM 847 C CB   . ARG A 1 50 ? 11.584  -3.226  5.133   1.00 0.80 ? 50 ARG A CB   1 
ATOM 848 C CG   . ARG A 1 50 ? 11.979  -4.489  5.901   1.00 1.45 ? 50 ARG A CG   1 
ATOM 849 C CD   . ARG A 1 50 ? 13.069  -5.244  5.135   1.00 1.87 ? 50 ARG A CD   1 
ATOM 850 N NE   . ARG A 1 50 ? 12.639  -6.674  5.157   1.00 2.71 ? 50 ARG A NE   1 
ATOM 851 C CZ   . ARG A 1 50 ? 13.242  -7.551  4.400   1.00 3.24 ? 50 ARG A CZ   1 
ATOM 852 N NH1  . ARG A 1 50 ? 13.054  -7.534  3.104   1.00 3.84 ? 50 ARG A NH1  1 
ATOM 853 N NH2  . ARG A 1 50 ? 14.024  -8.449  4.937   1.00 3.67 ? 50 ARG A NH2  1 
ATOM 854 H H    . ARG A 1 50 ? 10.032  -1.869  3.738   1.00 0.71 ? 50 ARG A H    1 
ATOM 855 H HA   . ARG A 1 50 ? 9.697   -3.467  6.142   1.00 0.74 ? 50 ARG A HA   1 
ATOM 856 H HB2  . ARG A 1 50 ? 11.428  -3.469  4.091   1.00 1.32 ? 50 ARG A HB2  1 
ATOM 857 H HB3  . ARG A 1 50 ? 12.370  -2.492  5.220   1.00 1.19 ? 50 ARG A HB3  1 
ATOM 858 H HG2  . ARG A 1 50 ? 12.351  -4.212  6.877   1.00 1.97 ? 50 ARG A HG2  1 
ATOM 859 H HG3  . ARG A 1 50 ? 11.113  -5.124  6.012   1.00 2.07 ? 50 ARG A HG3  1 
ATOM 860 H HD2  . ARG A 1 50 ? 13.132  -4.883  4.116   1.00 2.22 ? 50 ARG A HD2  1 
ATOM 861 H HD3  . ARG A 1 50 ? 14.020  -5.137  5.631   1.00 2.09 ? 50 ARG A HD3  1 
ATOM 862 H HE   . ARG A 1 50 ? 11.903  -6.958  5.742   1.00 3.23 ? 50 ARG A HE   1 
ATOM 863 H HH11 . ARG A 1 50 ? 12.449  -6.850  2.696   1.00 3.93 ? 50 ARG A HH11 1 
ATOM 864 H HH12 . ARG A 1 50 ? 13.513  -8.205  2.523   1.00 4.47 ? 50 ARG A HH12 1 
ATOM 865 H HH21 . ARG A 1 50 ? 14.161  -8.466  5.928   1.00 3.71 ? 50 ARG A HH21 1 
ATOM 866 H HH22 . ARG A 1 50 ? 14.488  -9.121  4.359   1.00 4.26 ? 50 ARG A HH22 1 
ATOM 867 N N    . ALA A 1 51 ? 10.775  -0.376  6.416   1.00 0.58 ? 51 ALA A N    1 
ATOM 868 C CA   . ALA A 1 51 ? 11.067  0.703   7.410   1.00 0.61 ? 51 ALA A CA   1 
ATOM 869 C C    . ALA A 1 51 ? 9.829   0.980   8.273   1.00 0.62 ? 51 ALA A C    1 
ATOM 870 O O    . ALA A 1 51 ? 9.946   1.304   9.441   1.00 0.74 ? 51 ALA A O    1 
ATOM 871 C CB   . ALA A 1 51 ? 11.416  1.933   6.572   1.00 0.68 ? 51 ALA A CB   1 
ATOM 872 H H    . ALA A 1 51 ? 10.704  -0.153  5.465   1.00 0.60 ? 51 ALA A H    1 
ATOM 873 H HA   . ALA A 1 51 ? 11.907  0.427   8.028   1.00 0.65 ? 51 ALA A HA   1 
ATOM 874 H HB1  . ALA A 1 51 ? 12.266  1.711   5.943   1.00 1.19 ? 51 ALA A HB1  1 
ATOM 875 H HB2  . ALA A 1 51 ? 10.571  2.200   5.958   1.00 1.18 ? 51 ALA A HB2  1 
ATOM 876 H HB3  . ALA A 1 51 ? 11.661  2.757   7.228   1.00 1.22 ? 51 ALA A HB3  1 
ATOM 877 N N    . ILE A 1 52 ? 8.646   0.839   7.716   1.00 0.58 ? 52 ILE A N    1 
ATOM 878 C CA   . ILE A 1 52 ? 7.404   1.082   8.531   1.00 0.66 ? 52 ILE A CA   1 
ATOM 879 C C    . ILE A 1 52 ? 7.138   -0.141  9.415   1.00 0.77 ? 52 ILE A C    1 
ATOM 880 O O    . ILE A 1 52 ? 6.695   -0.016  10.541  1.00 0.91 ? 52 ILE A O    1 
ATOM 881 C CB   . ILE A 1 52 ? 6.212   1.307   7.570   1.00 0.63 ? 52 ILE A CB   1 
ATOM 882 C CG1  . ILE A 1 52 ? 6.685   1.636   6.147   1.00 0.81 ? 52 ILE A CG1  1 
ATOM 883 C CG2  . ILE A 1 52 ? 5.374   2.474   8.097   1.00 0.99 ? 52 ILE A CG2  1 
ATOM 884 C CD1  . ILE A 1 52 ? 5.488   2.044   5.279   1.00 0.70 ? 52 ILE A CD1  1 
ATOM 885 H H    . ILE A 1 52 ? 8.579   0.559   6.781   1.00 0.55 ? 52 ILE A H    1 
ATOM 886 H HA   . ILE A 1 52 ? 7.542   1.956   9.150   1.00 0.74 ? 52 ILE A HA   1 
ATOM 887 H HB   . ILE A 1 52 ? 5.601   0.415   7.551   1.00 0.82 ? 52 ILE A HB   1 
ATOM 888 H HG12 . ILE A 1 52 ? 7.397   2.447   6.181   1.00 1.20 ? 52 ILE A HG12 1 
ATOM 889 H HG13 . ILE A 1 52 ? 7.152   0.765   5.716   1.00 1.15 ? 52 ILE A HG13 1 
ATOM 890 H HG21 . ILE A 1 52 ? 5.477   2.537   9.171   1.00 1.42 ? 52 ILE A HG21 1 
ATOM 891 H HG22 . ILE A 1 52 ? 5.716   3.396   7.649   1.00 1.47 ? 52 ILE A HG22 1 
ATOM 892 H HG23 . ILE A 1 52 ? 4.337   2.314   7.844   1.00 1.56 ? 52 ILE A HG23 1 
ATOM 893 H HD11 . ILE A 1 52 ? 4.587   1.592   5.668   1.00 1.25 ? 52 ILE A HD11 1 
ATOM 894 H HD12 . ILE A 1 52 ? 5.386   3.118   5.289   1.00 1.31 ? 52 ILE A HD12 1 
ATOM 895 H HD13 . ILE A 1 52 ? 5.650   1.708   4.264   1.00 1.13 ? 52 ILE A HD13 1 
ATOM 896 N N    . LEU A 1 53 ? 7.423   -1.323  8.915   1.00 0.78 ? 53 LEU A N    1 
ATOM 897 C CA   . LEU A 1 53 ? 7.213   -2.559  9.728   1.00 0.96 ? 53 LEU A CA   1 
ATOM 898 C C    . LEU A 1 53 ? 8.544   -3.005  10.369  1.00 0.94 ? 53 LEU A C    1 
ATOM 899 O O    . LEU A 1 53 ? 8.709   -4.153  10.743  1.00 1.57 ? 53 LEU A O    1 
ATOM 900 C CB   . LEU A 1 53 ? 6.700   -3.616  8.735   1.00 1.24 ? 53 LEU A CB   1 
ATOM 901 C CG   . LEU A 1 53 ? 5.292   -4.081  9.142   1.00 1.19 ? 53 LEU A CG   1 
ATOM 902 C CD1  . LEU A 1 53 ? 5.312   -4.607  10.583  1.00 1.70 ? 53 LEU A CD1  1 
ATOM 903 C CD2  . LEU A 1 53 ? 4.318   -2.901  9.044   1.00 0.90 ? 53 LEU A CD2  1 
ATOM 904 H H    . LEU A 1 53 ? 7.792   -1.395  8.011   1.00 0.73 ? 53 LEU A H    1 
ATOM 905 H HA   . LEU A 1 53 ? 6.473   -2.383  10.491  1.00 1.26 ? 53 LEU A HA   1 
ATOM 906 H HB2  . LEU A 1 53 ? 6.665   -3.190  7.742   1.00 1.72 ? 53 LEU A HB2  1 
ATOM 907 H HB3  . LEU A 1 53 ? 7.369   -4.464  8.736   1.00 2.01 ? 53 LEU A HB3  1 
ATOM 908 H HG   . LEU A 1 53 ? 4.970   -4.870  8.476   1.00 2.04 ? 53 LEU A HG   1 
ATOM 909 H HD11 . LEU A 1 53 ? 6.325   -4.593  10.956  1.00 2.13 ? 53 LEU A HD11 1 
ATOM 910 H HD12 . LEU A 1 53 ? 4.691   -3.977  11.205  1.00 2.29 ? 53 LEU A HD12 1 
ATOM 911 H HD13 . LEU A 1 53 ? 4.934   -5.617  10.605  1.00 2.12 ? 53 LEU A HD13 1 
ATOM 912 H HD21 . LEU A 1 53 ? 4.675   -2.199  8.306   1.00 1.43 ? 53 LEU A HD21 1 
ATOM 913 H HD22 . LEU A 1 53 ? 3.341   -3.261  8.754   1.00 1.35 ? 53 LEU A HD22 1 
ATOM 914 H HD23 . LEU A 1 53 ? 4.249   -2.412  10.003  1.00 1.20 ? 53 LEU A HD23 1 
ATOM 915 N N    . ALA A 1 54 ? 9.491   -2.101  10.506  1.00 0.63 ? 54 ALA A N    1 
ATOM 916 C CA   . ALA A 1 54 ? 10.806  -2.458  11.130  1.00 0.92 ? 54 ALA A CA   1 
ATOM 917 C C    . ALA A 1 54 ? 10.626  -2.723  12.625  1.00 1.26 ? 54 ALA A C    1 
ATOM 918 O O    . ALA A 1 54 ? 11.190  -3.651  13.172  1.00 1.63 ? 54 ALA A O    1 
ATOM 919 C CB   . ALA A 1 54 ? 11.692  -1.230  10.929  1.00 1.18 ? 54 ALA A CB   1 
ATOM 920 H H    . ALA A 1 54 ? 9.336   -1.183  10.203  1.00 0.77 ? 54 ALA A H    1 
ATOM 921 H HA   . ALA A 1 54 ? 11.242  -3.314  10.642  1.00 1.24 ? 54 ALA A HA   1 
ATOM 922 H HB1  . ALA A 1 54 ? 11.114  -0.339  11.123  1.00 1.46 ? 54 ALA A HB1  1 
ATOM 923 H HB2  . ALA A 1 54 ? 12.527  -1.272  11.615  1.00 1.53 ? 54 ALA A HB2  1 
ATOM 924 H HB3  . ALA A 1 54 ? 12.059  -1.210  9.915   1.00 1.80 ? 54 ALA A HB3  1 
ATOM 925 N N    . SER A 1 55 ? 9.846   -1.906  13.289  1.00 1.58 ? 55 SER A N    1 
ATOM 926 C CA   . SER A 1 55 ? 9.619   -2.092  14.758  1.00 2.24 ? 55 SER A CA   1 
ATOM 927 C C    . SER A 1 55 ? 8.989   -3.466  15.038  1.00 2.70 ? 55 SER A C    1 
ATOM 928 O O    . SER A 1 55 ? 9.530   -4.259  15.783  1.00 3.12 ? 55 SER A O    1 
ATOM 929 C CB   . SER A 1 55 ? 8.660   -0.963  15.151  1.00 2.81 ? 55 SER A CB   1 
ATOM 930 O OG   . SER A 1 55 ? 8.434   -1.007  16.550  1.00 3.44 ? 55 SER A OG   1 
ATOM 931 H H    . SER A 1 55 ? 9.408   -1.162  12.818  1.00 1.61 ? 55 SER A H    1 
ATOM 932 H HA   . SER A 1 55 ? 10.549  -1.988  15.298  1.00 2.33 ? 55 SER A HA   1 
ATOM 933 H HB2  . SER A 1 55 ? 9.089   -0.010  14.893  1.00 2.88 ? 55 SER A HB2  1 
ATOM 934 H HB3  . SER A 1 55 ? 7.726   -1.090  14.620  1.00 3.05 ? 55 SER A HB3  1 
ATOM 935 H HG   . SER A 1 55 ? 7.495   -1.145  16.693  1.00 3.92 ? 55 SER A HG   1 
ATOM 936 N N    . GLU A 1 56 ? 7.858   -3.747  14.435  1.00 3.15 ? 56 GLU A N    1 
ATOM 937 C CA   . GLU A 1 56 ? 7.172   -5.067  14.639  1.00 3.91 ? 56 GLU A CA   1 
ATOM 938 C C    . GLU A 1 56 ? 7.028   -5.402  16.142  1.00 4.37 ? 56 GLU A C    1 
ATOM 939 O O    . GLU A 1 56 ? 6.261   -4.723  16.801  1.00 4.59 ? 56 GLU A O    1 
ATOM 940 C CB   . GLU A 1 56 ? 8.068   -6.079  13.917  1.00 4.61 ? 56 GLU A CB   1 
ATOM 941 C CG   . GLU A 1 56 ? 7.275   -7.358  13.620  1.00 4.91 ? 56 GLU A CG   1 
ATOM 942 C CD   . GLU A 1 56 ? 7.703   -7.917  12.260  1.00 5.91 ? 56 GLU A CD   1 
ATOM 943 O OE1  . GLU A 1 56 ? 8.656   -8.679  12.222  1.00 6.41 ? 56 GLU A OE1  1 
ATOM 944 O OE2  . GLU A 1 56 ? 7.074   -7.564  11.276  1.00 6.42 ? 56 GLU A OE2  1 
ATOM 945 O OXT  . GLU A 1 56 ? 7.681   -6.329  16.606  1.00 4.92 ? 56 GLU A OXT  1 
ATOM 946 H H    . GLU A 1 56 ? 7.457   -3.085  13.833  1.00 3.28 ? 56 GLU A H    1 
ATOM 947 H HA   . GLU A 1 56 ? 6.200   -5.048  14.173  1.00 4.13 ? 56 GLU A HA   1 
ATOM 948 H HB2  . GLU A 1 56 ? 8.416   -5.649  12.989  1.00 5.05 ? 56 GLU A HB2  1 
ATOM 949 H HB3  . GLU A 1 56 ? 8.918   -6.319  14.540  1.00 4.96 ? 56 GLU A HB3  1 
ATOM 950 H HG2  . GLU A 1 56 ? 7.473   -8.086  14.389  1.00 4.80 ? 56 GLU A HG2  1 
ATOM 951 H HG3  . GLU A 1 56 ? 6.219   -7.133  13.600  1.00 4.98 ? 56 GLU A HG3  1 
# 
